data_5V72
#
_entry.id   5V72
#
_cell.length_a   63.188
_cell.length_b   157.926
_cell.length_c   64.719
_cell.angle_alpha   90.000
_cell.angle_beta   110.740
_cell.angle_gamma   90.000
#
_symmetry.space_group_name_H-M   'P 1 21 1'
#
loop_
_entity.id
_entity.type
_entity.pdbx_description
1 polymer 'NADPH-dependent glyoxylate/hydroxypyruvate reductase'
2 non-polymer 'SODIUM ION'
3 non-polymer 'CHLORIDE ION'
4 non-polymer GLYCEROL
5 non-polymer 'CITRIC ACID'
6 water water
#
_entity_poly.entity_id   1
_entity_poly.type   'polypeptide(L)'
_entity_poly.pdbx_seq_one_letter_code
;MSRPRILVPGKINPRVLERLPEMFETVRIERADAALVTADMRDVSGIAVSGKLPVPLMDAFPSLEIVANFGVGYDGVDVS
RAAARGIVVTNTPDVLTEEVADTAIGLLLNTLRLLPQAEQWLRQGRWVREGAFPLSPLSLRGRTVGLFGLGRIGLAIARR
LEAFGVSIAYHTRTPREGLGFTYHPTLVGMAEAVDTLIVIVPGTASTLKAVNADVLSALGPKGVLINVGRGSTVDEAALV
TALQNGTIAGAGLDVFENEPNVPEALLSFPNVSLLPHVASASVVTRNAMSDLVVDNLKAWFSTGEALTPVAETPFRRRAI
QN
;
_entity_poly.pdbx_strand_id   A,B,C,D
#
loop_
_chem_comp.id
_chem_comp.type
_chem_comp.name
_chem_comp.formula
CIT non-polymer 'CITRIC ACID' 'C6 H8 O7'
CL non-polymer 'CHLORIDE ION' 'Cl -1'
GOL non-polymer GLYCEROL 'C3 H8 O3'
NA non-polymer 'SODIUM ION' 'Na 1'
#
# COMPACT_ATOMS: atom_id res chain seq x y z
N MET A 1 -7.53 12.44 -45.99
CA MET A 1 -7.09 11.28 -45.15
C MET A 1 -7.66 9.94 -45.67
N SER A 2 -6.90 9.28 -46.55
CA SER A 2 -7.20 7.91 -47.00
C SER A 2 -6.59 6.89 -46.00
N ARG A 3 -7.27 6.70 -44.87
CA ARG A 3 -6.81 5.78 -43.80
C ARG A 3 -7.29 4.35 -44.08
N PRO A 4 -6.50 3.33 -43.70
CA PRO A 4 -6.91 1.97 -44.04
C PRO A 4 -8.26 1.62 -43.42
N ARG A 5 -9.04 0.81 -44.16
CA ARG A 5 -10.38 0.49 -43.73
C ARG A 5 -10.39 -0.92 -43.16
N ILE A 6 -10.97 -1.05 -41.95
CA ILE A 6 -10.99 -2.31 -41.23
C ILE A 6 -12.42 -2.75 -41.04
N LEU A 7 -12.74 -3.96 -41.52
CA LEU A 7 -14.07 -4.50 -41.34
C LEU A 7 -14.18 -5.11 -39.96
N VAL A 8 -15.30 -4.85 -39.28
CA VAL A 8 -15.67 -5.58 -38.07
C VAL A 8 -17.02 -6.27 -38.35
N PRO A 9 -17.03 -7.60 -38.46
CA PRO A 9 -18.29 -8.30 -38.69
C PRO A 9 -18.93 -8.77 -37.39
N GLY A 10 -20.17 -8.34 -37.14
CA GLY A 10 -20.94 -8.77 -35.97
C GLY A 10 -20.39 -8.16 -34.68
N LYS A 11 -20.47 -8.93 -33.58
CA LYS A 11 -20.15 -8.44 -32.26
C LYS A 11 -18.64 -8.50 -32.03
N ILE A 12 -18.13 -7.47 -31.34
CA ILE A 12 -16.76 -7.53 -30.83
C ILE A 12 -16.66 -6.71 -29.54
N ASN A 13 -15.67 -7.02 -28.72
CA ASN A 13 -15.42 -6.25 -27.49
C ASN A 13 -15.37 -4.74 -27.80
N PRO A 14 -16.14 -3.92 -27.05
CA PRO A 14 -16.24 -2.50 -27.39
C PRO A 14 -14.93 -1.72 -27.34
N ARG A 15 -13.97 -2.22 -26.59
CA ARG A 15 -12.63 -1.60 -26.60
C ARG A 15 -11.96 -1.61 -27.99
N VAL A 16 -12.17 -2.66 -28.77
CA VAL A 16 -11.71 -2.70 -30.17
C VAL A 16 -12.34 -1.52 -30.94
N LEU A 17 -13.65 -1.39 -30.85
CA LEU A 17 -14.36 -0.29 -31.50
C LEU A 17 -13.91 1.07 -31.04
N GLU A 18 -13.62 1.20 -29.75
CA GLU A 18 -13.16 2.46 -29.20
C GLU A 18 -11.83 2.92 -29.81
N ARG A 19 -10.91 1.99 -29.99
CA ARG A 19 -9.52 2.30 -30.36
C ARG A 19 -9.20 2.31 -31.86
N LEU A 20 -10.00 1.60 -32.68
CA LEU A 20 -9.77 1.58 -34.12
C LEU A 20 -9.63 2.98 -34.76
N PRO A 21 -10.46 3.97 -34.34
CA PRO A 21 -10.33 5.33 -34.90
C PRO A 21 -9.00 6.04 -34.67
N GLU A 22 -8.12 5.50 -33.82
CA GLU A 22 -6.76 6.05 -33.67
C GLU A 22 -6.01 6.08 -35.01
N MET A 23 -6.26 5.07 -35.87
CA MET A 23 -5.60 4.96 -37.18
C MET A 23 -6.51 4.60 -38.35
N PHE A 24 -7.73 4.14 -38.08
CA PHE A 24 -8.51 3.42 -39.10
C PHE A 24 -9.90 3.97 -39.25
N GLU A 25 -10.49 3.68 -40.42
CA GLU A 25 -11.91 3.83 -40.66
C GLU A 25 -12.51 2.45 -40.48
N THR A 26 -13.57 2.37 -39.67
CA THR A 26 -14.18 1.10 -39.33
C THR A 26 -15.34 0.87 -40.26
N VAL A 27 -15.44 -0.34 -40.83
CA VAL A 27 -16.57 -0.71 -41.64
C VAL A 27 -17.32 -1.80 -40.89
N ARG A 28 -18.57 -1.53 -40.56
CA ARG A 28 -19.34 -2.46 -39.74
C ARG A 28 -20.33 -3.18 -40.64
N ILE A 29 -20.43 -4.50 -40.47
CA ILE A 29 -21.56 -5.25 -41.02
C ILE A 29 -22.15 -6.06 -39.88
N GLU A 30 -23.46 -6.26 -39.97
CA GLU A 30 -24.27 -6.85 -38.90
C GLU A 30 -23.86 -8.30 -38.55
N ARG A 31 -23.43 -9.06 -39.54
CA ARG A 31 -23.09 -10.49 -39.37
C ARG A 31 -21.90 -10.82 -40.29
N ALA A 32 -21.20 -11.90 -39.95
CA ALA A 32 -20.08 -12.39 -40.75
C ALA A 32 -20.61 -13.14 -42.01
N ASP A 33 -21.07 -12.36 -42.98
CA ASP A 33 -21.87 -12.89 -44.13
C ASP A 33 -21.51 -12.10 -45.39
N ALA A 34 -20.98 -12.80 -46.39
CA ALA A 34 -20.53 -12.16 -47.64
C ALA A 34 -21.64 -11.40 -48.37
N ALA A 35 -22.89 -11.82 -48.17
CA ALA A 35 -24.04 -11.11 -48.72
C ALA A 35 -24.15 -9.65 -48.30
N LEU A 36 -23.58 -9.30 -47.16
CA LEU A 36 -23.61 -7.92 -46.64
C LEU A 36 -22.47 -7.03 -47.12
N VAL A 37 -21.58 -7.54 -47.97
CA VAL A 37 -20.46 -6.75 -48.50
C VAL A 37 -20.94 -5.97 -49.73
N THR A 38 -20.79 -4.65 -49.69
CA THR A 38 -21.19 -3.79 -50.83
C THR A 38 -19.94 -3.43 -51.65
N ALA A 39 -20.17 -2.88 -52.83
CA ALA A 39 -19.09 -2.54 -53.78
C ALA A 39 -18.05 -1.61 -53.18
N ASP A 40 -18.51 -0.59 -52.45
CA ASP A 40 -17.65 0.39 -51.76
C ASP A 40 -16.70 -0.23 -50.75
N MET A 41 -17.06 -1.38 -50.19
CA MET A 41 -16.24 -2.06 -49.17
C MET A 41 -15.06 -2.83 -49.75
N ARG A 42 -14.96 -2.94 -51.06
CA ARG A 42 -13.93 -3.77 -51.69
C ARG A 42 -12.50 -3.21 -51.55
N ASP A 43 -12.34 -1.99 -51.05
CA ASP A 43 -11.01 -1.49 -50.67
C ASP A 43 -10.57 -1.85 -49.23
N VAL A 44 -11.39 -2.60 -48.49
CA VAL A 44 -11.05 -3.00 -47.11
C VAL A 44 -9.77 -3.82 -47.14
N SER A 45 -8.84 -3.46 -46.26
CA SER A 45 -7.53 -4.12 -46.23
C SER A 45 -7.26 -4.90 -44.93
N GLY A 46 -8.14 -4.79 -43.93
CA GLY A 46 -7.99 -5.54 -42.70
C GLY A 46 -9.32 -5.97 -42.10
N ILE A 47 -9.29 -7.05 -41.33
CA ILE A 47 -10.44 -7.47 -40.55
C ILE A 47 -10.07 -7.61 -39.06
N ALA A 48 -10.97 -7.15 -38.19
CA ALA A 48 -10.90 -7.43 -36.76
C ALA A 48 -12.12 -8.29 -36.45
N VAL A 49 -11.90 -9.47 -35.90
CA VAL A 49 -12.99 -10.42 -35.71
C VAL A 49 -12.86 -11.25 -34.42
N SER A 50 -14.02 -11.51 -33.84
CA SER A 50 -14.20 -12.45 -32.75
C SER A 50 -15.11 -13.55 -33.27
N GLY A 51 -14.63 -14.79 -33.25
CA GLY A 51 -15.40 -15.95 -33.71
C GLY A 51 -15.17 -16.29 -35.17
N LYS A 52 -16.23 -16.75 -35.83
CA LYS A 52 -16.15 -17.38 -37.16
C LYS A 52 -15.94 -16.34 -38.27
N LEU A 53 -14.99 -16.62 -39.15
CA LEU A 53 -14.78 -15.82 -40.35
C LEU A 53 -14.94 -16.77 -41.54
N PRO A 54 -16.15 -16.84 -42.11
CA PRO A 54 -16.32 -17.72 -43.26
C PRO A 54 -15.45 -17.32 -44.45
N VAL A 55 -14.97 -18.31 -45.17
CA VAL A 55 -14.13 -18.13 -46.34
C VAL A 55 -14.76 -17.22 -47.43
N PRO A 56 -16.05 -17.38 -47.73
CA PRO A 56 -16.69 -16.48 -48.69
C PRO A 56 -16.63 -15.01 -48.30
N LEU A 57 -16.75 -14.72 -47.00
CA LEU A 57 -16.57 -13.35 -46.51
C LEU A 57 -15.13 -12.88 -46.68
N MET A 58 -14.17 -13.73 -46.31
CA MET A 58 -12.75 -13.38 -46.41
C MET A 58 -12.36 -13.15 -47.88
N ASP A 59 -12.88 -13.98 -48.78
CA ASP A 59 -12.58 -13.90 -50.21
C ASP A 59 -13.40 -12.83 -50.97
N ALA A 60 -14.33 -12.14 -50.31
CA ALA A 60 -15.00 -10.97 -50.89
C ALA A 60 -14.13 -9.70 -50.86
N PHE A 61 -12.95 -9.76 -50.27
CA PHE A 61 -12.07 -8.61 -50.15
C PHE A 61 -10.75 -8.87 -50.91
N PRO A 62 -10.67 -8.41 -52.18
CA PRO A 62 -9.45 -8.66 -52.93
C PRO A 62 -8.19 -7.97 -52.42
N SER A 63 -8.33 -6.89 -51.64
CA SER A 63 -7.21 -6.16 -51.06
C SER A 63 -6.89 -6.50 -49.60
N LEU A 64 -7.50 -7.57 -49.09
CA LEU A 64 -7.34 -7.97 -47.69
C LEU A 64 -5.92 -8.40 -47.43
N GLU A 65 -5.31 -7.83 -46.39
CA GLU A 65 -3.94 -8.15 -46.01
C GLU A 65 -3.80 -8.85 -44.66
N ILE A 66 -4.69 -8.58 -43.73
CA ILE A 66 -4.54 -8.98 -42.33
C ILE A 66 -5.88 -9.25 -41.65
N VAL A 67 -5.94 -10.35 -40.90
CA VAL A 67 -7.07 -10.69 -40.05
C VAL A 67 -6.55 -10.72 -38.60
N ALA A 68 -7.02 -9.76 -37.79
CA ALA A 68 -6.68 -9.68 -36.37
C ALA A 68 -7.77 -10.34 -35.57
N ASN A 69 -7.45 -11.56 -35.12
CA ASN A 69 -8.37 -12.43 -34.37
C ASN A 69 -8.36 -12.08 -32.87
N PHE A 70 -9.55 -11.91 -32.30
CA PHE A 70 -9.74 -11.75 -30.85
C PHE A 70 -9.72 -13.11 -30.15
N GLY A 71 -8.66 -13.39 -29.39
CA GLY A 71 -8.50 -14.66 -28.69
C GLY A 71 -7.18 -15.31 -29.04
N VAL A 72 -6.67 -16.14 -28.16
CA VAL A 72 -5.47 -16.93 -28.46
C VAL A 72 -5.82 -18.02 -29.49
N GLY A 73 -7.02 -18.60 -29.37
CA GLY A 73 -7.58 -19.53 -30.38
C GLY A 73 -8.10 -18.81 -31.61
N TYR A 74 -7.78 -19.33 -32.80
CA TYR A 74 -8.18 -18.73 -34.07
C TYR A 74 -8.78 -19.76 -35.06
N ASP A 75 -9.55 -20.69 -34.49
CA ASP A 75 -10.21 -21.80 -35.20
C ASP A 75 -11.23 -21.31 -36.20
N GLY A 76 -11.88 -20.18 -35.90
CA GLY A 76 -12.86 -19.60 -36.79
C GLY A 76 -12.31 -18.96 -38.06
N VAL A 77 -10.98 -18.86 -38.18
CA VAL A 77 -10.33 -18.32 -39.37
C VAL A 77 -9.72 -19.49 -40.12
N ASP A 78 -10.01 -19.57 -41.42
CA ASP A 78 -9.41 -20.57 -42.29
C ASP A 78 -7.97 -20.13 -42.61
N VAL A 79 -7.05 -20.56 -41.75
CA VAL A 79 -5.66 -20.12 -41.82
C VAL A 79 -4.93 -20.64 -43.06
N SER A 80 -5.26 -21.85 -43.52
CA SER A 80 -4.67 -22.39 -44.75
C SER A 80 -5.05 -21.53 -45.98
N ARG A 81 -6.30 -21.11 -46.06
CA ARG A 81 -6.75 -20.21 -47.12
C ARG A 81 -6.08 -18.82 -47.02
N ALA A 82 -6.00 -18.29 -45.80
CA ALA A 82 -5.27 -17.04 -45.56
C ALA A 82 -3.80 -17.14 -45.99
N ALA A 83 -3.15 -18.24 -45.62
CA ALA A 83 -1.76 -18.49 -45.97
C ALA A 83 -1.55 -18.54 -47.47
N ALA A 84 -2.44 -19.26 -48.16
CA ALA A 84 -2.41 -19.34 -49.62
C ALA A 84 -2.53 -17.98 -50.28
N ARG A 85 -3.29 -17.04 -49.69
CA ARG A 85 -3.42 -15.70 -50.24
C ARG A 85 -2.36 -14.70 -49.75
N GLY A 86 -1.40 -15.15 -48.94
CA GLY A 86 -0.42 -14.23 -48.34
C GLY A 86 -1.00 -13.28 -47.27
N ILE A 87 -2.11 -13.70 -46.65
CA ILE A 87 -2.79 -12.89 -45.64
C ILE A 87 -2.24 -13.28 -44.27
N VAL A 88 -1.79 -12.29 -43.50
CA VAL A 88 -1.34 -12.49 -42.14
CA VAL A 88 -1.35 -12.48 -42.13
C VAL A 88 -2.55 -12.59 -41.18
N VAL A 89 -2.51 -13.57 -40.31
CA VAL A 89 -3.51 -13.74 -39.25
C VAL A 89 -2.81 -13.53 -37.92
N THR A 90 -3.39 -12.72 -37.04
CA THR A 90 -2.83 -12.48 -35.71
C THR A 90 -3.81 -12.94 -34.66
N ASN A 91 -3.28 -13.34 -33.52
CA ASN A 91 -4.11 -13.74 -32.37
C ASN A 91 -3.69 -12.92 -31.15
N THR A 92 -4.21 -13.27 -29.97
CA THR A 92 -3.89 -12.54 -28.74
C THR A 92 -3.29 -13.47 -27.67
N PRO A 93 -2.05 -13.95 -27.86
CA PRO A 93 -1.39 -14.72 -26.80
C PRO A 93 -0.80 -13.78 -25.73
N ASP A 94 -0.25 -14.36 -24.67
CA ASP A 94 0.56 -13.67 -23.65
C ASP A 94 -0.20 -12.77 -22.66
N VAL A 95 -1.06 -11.91 -23.18
CA VAL A 95 -1.80 -10.98 -22.34
C VAL A 95 -2.88 -11.65 -21.46
N LEU A 96 -3.24 -12.90 -21.76
CA LEU A 96 -4.28 -13.63 -21.01
C LEU A 96 -3.70 -14.79 -20.21
N THR A 97 -2.41 -15.04 -20.32
CA THR A 97 -1.79 -16.26 -19.76
C THR A 97 -2.05 -16.44 -18.26
N GLU A 98 -1.76 -15.38 -17.52
CA GLU A 98 -1.83 -15.38 -16.08
C GLU A 98 -3.28 -15.46 -15.60
N GLU A 99 -4.18 -14.78 -16.30
CA GLU A 99 -5.57 -14.77 -15.96
C GLU A 99 -6.16 -16.20 -16.11
N VAL A 100 -5.75 -16.89 -17.16
CA VAL A 100 -6.23 -18.24 -17.46
C VAL A 100 -5.69 -19.22 -16.43
N ALA A 101 -4.43 -19.05 -16.06
CA ALA A 101 -3.81 -19.86 -15.00
C ALA A 101 -4.51 -19.65 -13.65
N ASP A 102 -4.87 -18.40 -13.34
CA ASP A 102 -5.66 -18.09 -12.14
C ASP A 102 -6.98 -18.85 -12.13
N THR A 103 -7.69 -18.81 -13.24
CA THR A 103 -8.96 -19.49 -13.33
C THR A 103 -8.81 -21.00 -13.16
N ALA A 104 -7.77 -21.57 -13.76
CA ALA A 104 -7.53 -23.00 -13.65
C ALA A 104 -7.33 -23.42 -12.21
N ILE A 105 -6.52 -22.65 -11.46
CA ILE A 105 -6.29 -22.95 -10.04
C ILE A 105 -7.58 -22.78 -9.22
N GLY A 106 -8.35 -21.72 -9.49
CA GLY A 106 -9.62 -21.51 -8.83
C GLY A 106 -10.57 -22.69 -9.04
N LEU A 107 -10.67 -23.13 -10.29
CA LEU A 107 -11.52 -24.26 -10.64
C LEU A 107 -11.04 -25.56 -9.95
N LEU A 108 -9.72 -25.76 -9.90
CA LEU A 108 -9.15 -26.93 -9.23
C LEU A 108 -9.51 -26.94 -7.74
N LEU A 109 -9.31 -25.80 -7.06
CA LEU A 109 -9.61 -25.72 -5.63
C LEU A 109 -11.10 -25.90 -5.37
N ASN A 110 -11.95 -25.31 -6.20
CA ASN A 110 -13.40 -25.45 -6.06
C ASN A 110 -13.86 -26.90 -6.29
N THR A 111 -13.21 -27.61 -7.20
CA THR A 111 -13.53 -28.99 -7.47
C THR A 111 -13.13 -29.89 -6.32
N LEU A 112 -11.94 -29.66 -5.77
CA LEU A 112 -11.43 -30.50 -4.69
C LEU A 112 -12.10 -30.23 -3.31
N ARG A 113 -12.26 -28.97 -2.96
CA ARG A 113 -12.75 -28.56 -1.66
C ARG A 113 -14.24 -28.21 -1.60
N LEU A 114 -14.90 -28.26 -2.73
CA LEU A 114 -16.38 -28.05 -2.82
C LEU A 114 -16.81 -26.68 -2.31
N LEU A 115 -15.99 -25.66 -2.55
CA LEU A 115 -16.27 -24.34 -2.00
C LEU A 115 -17.59 -23.72 -2.52
N PRO A 116 -17.90 -23.89 -3.83
CA PRO A 116 -19.20 -23.35 -4.28
C PRO A 116 -20.41 -24.02 -3.60
N GLN A 117 -20.31 -25.33 -3.36
CA GLN A 117 -21.35 -26.09 -2.67
C GLN A 117 -21.43 -25.69 -1.18
N ALA A 118 -20.28 -25.45 -0.56
CA ALA A 118 -20.21 -24.95 0.81
C ALA A 118 -20.93 -23.62 0.94
N GLU A 119 -20.65 -22.72 0.00
CA GLU A 119 -21.32 -21.41 -0.05
C GLU A 119 -22.82 -21.56 -0.26
N GLN A 120 -23.25 -22.47 -1.12
CA GLN A 120 -24.70 -22.72 -1.30
C GLN A 120 -25.35 -23.23 -0.04
N TRP A 121 -24.65 -24.12 0.67
CA TRP A 121 -25.12 -24.65 1.94
C TRP A 121 -25.43 -23.52 2.94
N LEU A 122 -24.49 -22.59 3.05
CA LEU A 122 -24.65 -21.42 3.90
C LEU A 122 -25.79 -20.52 3.40
N ARG A 123 -25.82 -20.23 2.12
CA ARG A 123 -26.82 -19.28 1.57
C ARG A 123 -28.26 -19.82 1.61
N GLN A 124 -28.40 -21.15 1.60
CA GLN A 124 -29.71 -21.82 1.75
C GLN A 124 -30.18 -21.92 3.21
N GLY A 125 -29.38 -21.42 4.16
CA GLY A 125 -29.73 -21.39 5.57
C GLY A 125 -29.38 -22.67 6.31
N ARG A 126 -28.61 -23.57 5.67
CA ARG A 126 -28.36 -24.89 6.25
C ARG A 126 -27.28 -24.88 7.33
N TRP A 127 -26.38 -23.90 7.33
CA TRP A 127 -25.40 -23.81 8.43
C TRP A 127 -26.11 -23.59 9.76
N VAL A 128 -27.11 -22.72 9.72
CA VAL A 128 -27.95 -22.45 10.88
C VAL A 128 -28.79 -23.68 11.25
N ARG A 129 -29.53 -24.20 10.29
CA ARG A 129 -30.56 -25.21 10.57
C ARG A 129 -30.05 -26.65 10.74
N GLU A 130 -28.98 -27.01 10.04
CA GLU A 130 -28.45 -28.39 10.01
C GLU A 130 -27.04 -28.55 10.58
N GLY A 131 -26.21 -27.50 10.56
CA GLY A 131 -24.88 -27.57 11.12
C GLY A 131 -23.78 -27.45 10.05
N ALA A 132 -22.62 -28.04 10.33
CA ALA A 132 -21.45 -27.84 9.50
C ALA A 132 -21.69 -28.49 8.14
N PHE A 133 -21.18 -27.85 7.09
CA PHE A 133 -21.12 -28.47 5.75
C PHE A 133 -20.29 -29.76 5.89
N PRO A 134 -20.71 -30.85 5.21
CA PRO A 134 -19.88 -32.07 5.31
C PRO A 134 -18.43 -31.83 4.87
N LEU A 135 -17.52 -32.58 5.46
CA LEU A 135 -16.10 -32.52 5.10
C LEU A 135 -15.92 -32.92 3.64
N SER A 136 -15.08 -32.19 2.91
CA SER A 136 -14.84 -32.49 1.49
C SER A 136 -14.05 -33.80 1.43
N PRO A 137 -14.54 -34.80 0.65
CA PRO A 137 -13.76 -36.04 0.62
C PRO A 137 -12.37 -35.88 -0.01
N LEU A 138 -12.21 -34.86 -0.87
CA LEU A 138 -10.94 -34.62 -1.55
C LEU A 138 -10.27 -33.35 -1.02
N SER A 139 -9.02 -33.20 -1.44
CA SER A 139 -8.17 -32.08 -1.08
C SER A 139 -7.03 -31.99 -2.08
N LEU A 140 -6.44 -30.81 -2.20
CA LEU A 140 -5.20 -30.64 -2.98
C LEU A 140 -4.01 -31.26 -2.27
N ARG A 141 -4.06 -31.36 -0.93
CA ARG A 141 -2.93 -31.89 -0.14
C ARG A 141 -2.57 -33.30 -0.56
N GLY A 142 -1.29 -33.54 -0.81
CA GLY A 142 -0.82 -34.85 -1.20
C GLY A 142 -1.08 -35.29 -2.64
N ARG A 143 -1.70 -34.44 -3.46
CA ARG A 143 -2.01 -34.82 -4.86
C ARG A 143 -0.82 -34.67 -5.79
N THR A 144 -0.88 -35.43 -6.88
CA THR A 144 0.09 -35.41 -7.95
C THR A 144 -0.64 -34.95 -9.23
N VAL A 145 -0.12 -33.89 -9.82
CA VAL A 145 -0.77 -33.21 -10.93
C VAL A 145 -0.02 -33.45 -12.24
N GLY A 146 -0.76 -33.87 -13.26
CA GLY A 146 -0.26 -34.08 -14.62
C GLY A 146 -0.86 -33.03 -15.52
N LEU A 147 -0.02 -32.25 -16.17
CA LEU A 147 -0.45 -31.28 -17.19
C LEU A 147 -0.43 -31.88 -18.60
N PHE A 148 -1.59 -31.93 -19.26
CA PHE A 148 -1.70 -32.35 -20.67
C PHE A 148 -1.63 -31.07 -21.46
N GLY A 149 -0.46 -30.85 -22.02
CA GLY A 149 -0.11 -29.61 -22.68
C GLY A 149 0.73 -28.81 -21.71
N LEU A 150 1.60 -28.00 -22.28
CA LEU A 150 2.40 -27.08 -21.51
C LEU A 150 2.20 -25.69 -22.16
N GLY A 151 3.19 -25.17 -22.90
CA GLY A 151 3.10 -23.80 -23.38
C GLY A 151 3.17 -22.77 -22.26
N ARG A 152 2.94 -21.51 -22.58
CA ARG A 152 2.99 -20.46 -21.58
C ARG A 152 1.92 -20.66 -20.46
N ILE A 153 0.70 -21.07 -20.85
CA ILE A 153 -0.34 -21.29 -19.85
C ILE A 153 0.04 -22.44 -18.93
N GLY A 154 0.56 -23.52 -19.48
CA GLY A 154 1.02 -24.65 -18.66
C GLY A 154 2.14 -24.33 -17.74
N LEU A 155 3.14 -23.56 -18.19
CA LEU A 155 4.19 -23.07 -17.30
C LEU A 155 3.65 -22.20 -16.17
N ALA A 156 2.68 -21.35 -16.46
CA ALA A 156 2.10 -20.47 -15.43
C ALA A 156 1.30 -21.26 -14.38
N ILE A 157 0.55 -22.26 -14.83
CA ILE A 157 -0.15 -23.19 -13.95
C ILE A 157 0.84 -24.00 -13.12
N ALA A 158 1.89 -24.48 -13.74
CA ALA A 158 2.90 -25.28 -13.04
C ALA A 158 3.57 -24.45 -11.96
N ARG A 159 3.85 -23.18 -12.27
CA ARG A 159 4.45 -22.26 -11.31
C ARG A 159 3.57 -22.08 -10.06
N ARG A 160 2.27 -21.92 -10.26
CA ARG A 160 1.32 -21.81 -9.16
C ARG A 160 1.31 -23.12 -8.36
N LEU A 161 1.18 -24.25 -9.02
CA LEU A 161 1.08 -25.56 -8.34
C LEU A 161 2.32 -25.90 -7.49
N GLU A 162 3.50 -25.53 -7.96
CA GLU A 162 4.77 -25.75 -7.20
C GLU A 162 4.69 -25.04 -5.83
N ALA A 163 4.10 -23.86 -5.81
CA ALA A 163 3.97 -23.07 -4.60
C ALA A 163 2.92 -23.65 -3.61
N PHE A 164 2.00 -24.49 -4.09
CA PHE A 164 1.09 -25.27 -3.25
C PHE A 164 1.70 -26.58 -2.76
N GLY A 165 2.97 -26.83 -3.09
CA GLY A 165 3.64 -28.03 -2.63
C GLY A 165 3.17 -29.34 -3.24
N VAL A 166 2.67 -29.32 -4.47
CA VAL A 166 2.24 -30.58 -5.14
C VAL A 166 3.28 -30.96 -6.20
N SER A 167 3.46 -32.26 -6.39
CA SER A 167 4.29 -32.80 -7.46
C SER A 167 3.65 -32.57 -8.83
N ILE A 168 4.48 -32.30 -9.82
CA ILE A 168 4.02 -31.85 -11.14
C ILE A 168 4.68 -32.75 -12.19
N ALA A 169 3.86 -33.23 -13.12
CA ALA A 169 4.29 -33.92 -14.28
C ALA A 169 3.62 -33.23 -15.48
N TYR A 170 4.16 -33.50 -16.68
CA TYR A 170 3.55 -32.99 -17.90
C TYR A 170 3.76 -33.93 -19.08
N HIS A 171 2.81 -33.85 -19.99
CA HIS A 171 2.87 -34.57 -21.25
C HIS A 171 2.72 -33.59 -22.42
N THR A 172 3.71 -33.66 -23.31
CA THR A 172 3.71 -32.99 -24.58
C THR A 172 4.39 -33.94 -25.56
N ARG A 173 4.31 -33.65 -26.85
CA ARG A 173 4.94 -34.52 -27.84
C ARG A 173 6.47 -34.50 -27.72
N THR A 174 7.05 -33.32 -27.46
CA THR A 174 8.49 -33.22 -27.11
C THR A 174 8.77 -32.64 -25.73
N PRO A 175 9.74 -33.23 -25.00
CA PRO A 175 10.08 -32.67 -23.67
C PRO A 175 10.65 -31.27 -23.76
N ARG A 176 10.56 -30.54 -22.66
CA ARG A 176 11.14 -29.21 -22.52
C ARG A 176 12.45 -29.30 -21.77
N GLU A 177 13.52 -28.74 -22.36
CA GLU A 177 14.84 -28.73 -21.72
C GLU A 177 14.80 -27.75 -20.55
N GLY A 178 15.39 -28.14 -19.41
CA GLY A 178 15.56 -27.25 -18.27
C GLY A 178 14.59 -27.38 -17.12
N LEU A 179 13.34 -27.79 -17.40
CA LEU A 179 12.30 -27.86 -16.38
C LEU A 179 12.52 -28.99 -15.39
N GLY A 180 12.32 -28.71 -14.10
CA GLY A 180 12.42 -29.75 -13.07
C GLY A 180 11.13 -30.53 -12.82
N PHE A 181 10.34 -30.77 -13.87
CA PHE A 181 9.11 -31.53 -13.78
C PHE A 181 9.34 -32.84 -14.50
N THR A 182 8.62 -33.87 -14.11
CA THR A 182 8.68 -35.17 -14.75
C THR A 182 7.94 -35.13 -16.08
N TYR A 183 8.64 -35.52 -17.15
CA TYR A 183 8.09 -35.60 -18.47
C TYR A 183 7.54 -36.99 -18.72
N HIS A 184 6.32 -37.07 -19.24
CA HIS A 184 5.73 -38.32 -19.69
C HIS A 184 5.60 -38.33 -21.22
N PRO A 185 6.23 -39.34 -21.88
CA PRO A 185 6.09 -39.45 -23.33
C PRO A 185 4.68 -39.79 -23.81
N THR A 186 3.82 -40.37 -22.97
CA THR A 186 2.44 -40.67 -23.38
C THR A 186 1.39 -40.16 -22.40
N LEU A 187 0.21 -39.85 -22.91
CA LEU A 187 -0.89 -39.35 -22.10
C LEU A 187 -1.38 -40.42 -21.13
N VAL A 188 -1.55 -41.66 -21.62
CA VAL A 188 -2.05 -42.73 -20.74
C VAL A 188 -1.06 -43.05 -19.61
N GLY A 189 0.23 -43.03 -19.95
CA GLY A 189 1.28 -43.22 -18.94
C GLY A 189 1.24 -42.19 -17.83
N MET A 190 1.12 -40.92 -18.22
CA MET A 190 0.99 -39.84 -17.23
C MET A 190 -0.28 -40.01 -16.38
N ALA A 191 -1.39 -40.34 -17.04
CA ALA A 191 -2.66 -40.48 -16.32
C ALA A 191 -2.58 -41.62 -15.29
N GLU A 192 -1.90 -42.70 -15.68
CA GLU A 192 -1.55 -43.78 -14.72
C GLU A 192 -0.80 -43.28 -13.49
N ALA A 193 0.25 -42.50 -13.72
CA ALA A 193 1.13 -42.02 -12.64
C ALA A 193 0.53 -40.96 -11.75
N VAL A 194 -0.44 -40.20 -12.23
CA VAL A 194 -0.98 -39.08 -11.44
C VAL A 194 -2.42 -39.36 -10.98
N ASP A 195 -2.90 -38.52 -10.08
CA ASP A 195 -4.28 -38.57 -9.65
C ASP A 195 -5.07 -37.30 -10.03
N THR A 196 -4.42 -36.34 -10.64
CA THR A 196 -5.06 -35.09 -11.04
C THR A 196 -4.56 -34.71 -12.44
N LEU A 197 -5.47 -34.62 -13.40
CA LEU A 197 -5.13 -34.35 -14.80
C LEU A 197 -5.71 -33.00 -15.19
N ILE A 198 -4.84 -32.05 -15.53
CA ILE A 198 -5.27 -30.72 -16.02
C ILE A 198 -5.00 -30.61 -17.53
N VAL A 199 -6.07 -30.42 -18.29
CA VAL A 199 -6.05 -30.39 -19.73
C VAL A 199 -5.97 -28.92 -20.16
N ILE A 200 -4.87 -28.59 -20.80
CA ILE A 200 -4.68 -27.25 -21.41
C ILE A 200 -4.38 -27.28 -22.90
N VAL A 201 -4.16 -28.46 -23.49
CA VAL A 201 -4.14 -28.61 -24.97
C VAL A 201 -5.41 -28.00 -25.60
N PRO A 202 -5.26 -27.20 -26.70
CA PRO A 202 -6.44 -26.54 -27.24
C PRO A 202 -7.66 -27.40 -27.53
N GLY A 203 -7.50 -28.65 -27.95
CA GLY A 203 -8.63 -29.56 -28.21
C GLY A 203 -9.61 -29.15 -29.29
N THR A 207 -10.86 -33.37 -33.57
CA THR A 207 -12.16 -34.00 -33.57
C THR A 207 -12.12 -35.28 -32.71
N LEU A 208 -10.98 -35.97 -32.70
CA LEU A 208 -10.80 -37.08 -31.78
C LEU A 208 -10.50 -36.59 -30.37
N LYS A 209 -11.31 -37.00 -29.40
CA LYS A 209 -11.22 -36.59 -28.00
C LYS A 209 -10.10 -37.42 -27.38
N ALA A 210 -8.95 -36.78 -27.11
CA ALA A 210 -7.81 -37.51 -26.53
C ALA A 210 -8.07 -38.03 -25.11
N VAL A 211 -8.87 -37.29 -24.33
CA VAL A 211 -9.26 -37.76 -22.99
C VAL A 211 -10.49 -38.65 -23.16
N ASN A 212 -10.20 -39.94 -23.30
CA ASN A 212 -11.20 -40.95 -23.64
C ASN A 212 -11.36 -41.90 -22.44
N ALA A 213 -12.15 -42.96 -22.62
CA ALA A 213 -12.39 -43.94 -21.56
C ALA A 213 -11.11 -44.54 -20.99
N ASP A 214 -10.18 -44.88 -21.87
CA ASP A 214 -8.87 -45.42 -21.45
C ASP A 214 -8.09 -44.43 -20.58
N VAL A 215 -8.09 -43.16 -20.95
CA VAL A 215 -7.35 -42.14 -20.18
C VAL A 215 -7.98 -41.96 -18.80
N LEU A 216 -9.30 -41.88 -18.76
CA LEU A 216 -10.01 -41.70 -17.50
C LEU A 216 -9.84 -42.92 -16.59
N SER A 217 -9.87 -44.11 -17.17
CA SER A 217 -9.62 -45.32 -16.39
C SER A 217 -8.19 -45.36 -15.80
N ALA A 218 -7.21 -44.92 -16.57
CA ALA A 218 -5.81 -44.82 -16.08
C ALA A 218 -5.68 -43.79 -14.93
N LEU A 219 -6.41 -42.68 -15.06
CA LEU A 219 -6.43 -41.62 -14.05
C LEU A 219 -6.76 -42.22 -12.65
N GLY A 220 -7.81 -43.04 -12.63
CA GLY A 220 -8.12 -43.93 -11.53
C GLY A 220 -9.15 -43.41 -10.54
N PRO A 221 -9.49 -44.24 -9.52
CA PRO A 221 -10.63 -43.95 -8.63
C PRO A 221 -10.47 -42.76 -7.68
N LYS A 222 -9.27 -42.25 -7.52
CA LYS A 222 -9.04 -40.98 -6.81
C LYS A 222 -8.82 -39.82 -7.80
N GLY A 223 -9.02 -40.10 -9.09
CA GLY A 223 -8.69 -39.19 -10.15
C GLY A 223 -9.61 -38.00 -10.25
N VAL A 224 -9.02 -36.83 -10.53
CA VAL A 224 -9.76 -35.61 -10.77
C VAL A 224 -9.32 -35.01 -12.12
N LEU A 225 -10.30 -34.65 -12.94
CA LEU A 225 -10.10 -34.06 -14.23
C LEU A 225 -10.48 -32.59 -14.23
N ILE A 226 -9.55 -31.74 -14.65
CA ILE A 226 -9.81 -30.32 -14.83
C ILE A 226 -9.61 -30.00 -16.32
N ASN A 227 -10.61 -29.39 -16.95
CA ASN A 227 -10.49 -28.97 -18.32
C ASN A 227 -10.67 -27.47 -18.47
N VAL A 228 -9.59 -26.82 -18.86
CA VAL A 228 -9.60 -25.41 -19.28
C VAL A 228 -8.97 -25.28 -20.69
N GLY A 229 -9.72 -25.11 -21.76
CA GLY A 229 -9.21 -25.25 -23.12
C GLY A 229 -9.81 -24.07 -23.79
N ARG A 230 -9.56 -23.99 -25.08
CA ARG A 230 -10.29 -23.09 -26.01
C ARG A 230 -11.34 -23.94 -26.71
N GLY A 231 -11.07 -25.24 -26.84
CA GLY A 231 -12.10 -26.24 -27.04
C GLY A 231 -11.89 -27.45 -26.12
N SER A 232 -12.85 -28.37 -26.19
CA SER A 232 -12.76 -29.59 -25.41
C SER A 232 -12.09 -30.72 -26.22
N THR A 233 -11.03 -31.33 -25.69
CA THR A 233 -10.59 -32.65 -26.16
C THR A 233 -11.03 -33.77 -25.20
N VAL A 234 -12.10 -33.53 -24.45
CA VAL A 234 -12.63 -34.51 -23.53
C VAL A 234 -13.87 -35.16 -24.12
N ASP A 235 -13.90 -36.50 -24.05
CA ASP A 235 -15.07 -37.25 -24.50
C ASP A 235 -16.15 -37.13 -23.43
N GLU A 236 -17.08 -36.20 -23.62
CA GLU A 236 -18.08 -35.84 -22.61
C GLU A 236 -18.95 -37.03 -22.17
N ALA A 237 -19.41 -37.83 -23.12
CA ALA A 237 -20.16 -39.03 -22.80
C ALA A 237 -19.33 -40.02 -21.97
N ALA A 238 -18.07 -40.19 -22.33
CA ALA A 238 -17.17 -41.07 -21.57
C ALA A 238 -16.93 -40.52 -20.15
N LEU A 239 -16.81 -39.20 -20.02
CA LEU A 239 -16.66 -38.58 -18.70
C LEU A 239 -17.90 -38.82 -17.83
N VAL A 240 -19.10 -38.62 -18.38
CA VAL A 240 -20.33 -38.85 -17.63
C VAL A 240 -20.37 -40.29 -17.13
N THR A 241 -20.05 -41.25 -18.00
CA THR A 241 -20.03 -42.66 -17.62
C THR A 241 -19.04 -42.93 -16.48
N ALA A 242 -17.84 -42.34 -16.57
CA ALA A 242 -16.80 -42.48 -15.55
C ALA A 242 -17.22 -41.92 -14.17
N LEU A 243 -17.85 -40.75 -14.17
CA LEU A 243 -18.38 -40.14 -12.95
C LEU A 243 -19.54 -40.96 -12.38
N GLN A 244 -20.46 -41.36 -13.23
CA GLN A 244 -21.60 -42.21 -12.83
C GLN A 244 -21.15 -43.50 -12.13
N ASN A 245 -20.09 -44.14 -12.63
CA ASN A 245 -19.62 -45.43 -12.13
C ASN A 245 -18.48 -45.35 -11.11
N GLY A 246 -18.06 -44.16 -10.74
CA GLY A 246 -16.96 -43.99 -9.79
C GLY A 246 -15.60 -44.35 -10.33
N THR A 247 -15.46 -44.42 -11.65
CA THR A 247 -14.19 -44.66 -12.30
C THR A 247 -13.19 -43.55 -11.95
N ILE A 248 -13.67 -42.30 -11.92
CA ILE A 248 -12.92 -41.19 -11.34
C ILE A 248 -13.71 -40.52 -10.21
N ALA A 249 -13.02 -39.70 -9.42
CA ALA A 249 -13.53 -39.14 -8.19
C ALA A 249 -14.17 -37.78 -8.35
N GLY A 250 -13.79 -37.03 -9.37
CA GLY A 250 -14.35 -35.67 -9.56
C GLY A 250 -13.89 -34.99 -10.82
N ALA A 251 -14.50 -33.86 -11.13
CA ALA A 251 -14.14 -33.06 -12.28
C ALA A 251 -14.53 -31.59 -12.21
N GLY A 252 -13.72 -30.76 -12.86
CA GLY A 252 -13.96 -29.33 -12.98
C GLY A 252 -13.80 -28.92 -14.42
N LEU A 253 -14.81 -28.30 -15.01
CA LEU A 253 -14.82 -28.01 -16.45
C LEU A 253 -15.20 -26.56 -16.71
N ASP A 254 -14.35 -25.84 -17.45
CA ASP A 254 -14.61 -24.46 -17.88
C ASP A 254 -15.00 -24.43 -19.36
N VAL A 255 -14.92 -25.57 -20.06
CA VAL A 255 -15.12 -25.64 -21.52
C VAL A 255 -15.85 -26.92 -21.87
N PHE A 256 -16.64 -26.84 -22.93
CA PHE A 256 -17.55 -27.94 -23.32
C PHE A 256 -17.61 -28.08 -24.82
N GLU A 257 -18.04 -29.26 -25.25
CA GLU A 257 -18.12 -29.63 -26.67
C GLU A 257 -19.03 -28.69 -27.47
N ASN A 258 -20.16 -28.32 -26.92
CA ASN A 258 -21.16 -27.51 -27.66
C ASN A 258 -21.66 -26.37 -26.76
N GLU A 259 -20.77 -25.41 -26.47
CA GLU A 259 -21.14 -24.27 -25.61
C GLU A 259 -22.24 -23.45 -26.27
N PRO A 260 -23.18 -22.87 -25.52
CA PRO A 260 -23.25 -22.88 -24.05
C PRO A 260 -23.95 -24.08 -23.41
N ASN A 261 -24.17 -25.15 -24.18
CA ASN A 261 -24.99 -26.27 -23.74
C ASN A 261 -24.10 -27.23 -22.95
N VAL A 262 -24.54 -27.57 -21.73
CA VAL A 262 -23.86 -28.51 -20.87
C VAL A 262 -24.80 -29.69 -20.70
N PRO A 263 -24.31 -30.93 -20.93
CA PRO A 263 -25.21 -32.08 -20.78
C PRO A 263 -25.79 -32.19 -19.37
N GLU A 264 -27.07 -32.57 -19.31
CA GLU A 264 -27.85 -32.59 -18.07
C GLU A 264 -27.21 -33.50 -17.01
N ALA A 265 -26.66 -34.64 -17.44
CA ALA A 265 -26.03 -35.59 -16.55
C ALA A 265 -24.86 -34.99 -15.75
N LEU A 266 -24.06 -34.12 -16.38
CA LEU A 266 -22.98 -33.42 -15.68
C LEU A 266 -23.47 -32.50 -14.55
N LEU A 267 -24.62 -31.86 -14.75
CA LEU A 267 -25.23 -30.99 -13.74
C LEU A 267 -25.71 -31.70 -12.48
N SER A 268 -25.93 -33.00 -12.55
CA SER A 268 -26.47 -33.77 -11.42
C SER A 268 -25.42 -34.26 -10.44
N PHE A 269 -24.15 -34.32 -10.83
CA PHE A 269 -23.10 -34.87 -9.94
C PHE A 269 -22.69 -33.89 -8.82
N PRO A 270 -22.64 -34.36 -7.56
CA PRO A 270 -22.17 -33.52 -6.45
C PRO A 270 -20.64 -33.29 -6.37
N ASN A 271 -19.87 -33.98 -7.21
CA ASN A 271 -18.39 -33.90 -7.19
C ASN A 271 -17.81 -33.20 -8.45
N VAL A 272 -18.64 -32.35 -9.06
CA VAL A 272 -18.30 -31.67 -10.30
C VAL A 272 -18.53 -30.17 -10.15
N SER A 273 -17.56 -29.39 -10.56
CA SER A 273 -17.67 -27.93 -10.68
C SER A 273 -17.70 -27.56 -12.18
N LEU A 274 -18.61 -26.66 -12.53
CA LEU A 274 -18.88 -26.24 -13.90
C LEU A 274 -18.81 -24.70 -13.97
N LEU A 275 -18.05 -24.20 -14.95
CA LEU A 275 -17.96 -22.76 -15.22
C LEU A 275 -18.30 -22.46 -16.68
N PRO A 276 -18.95 -21.32 -16.95
CA PRO A 276 -19.34 -20.95 -18.31
C PRO A 276 -18.20 -20.27 -19.11
N HIS A 277 -17.09 -20.98 -19.29
CA HIS A 277 -15.95 -20.49 -20.08
C HIS A 277 -15.49 -19.13 -19.63
N VAL A 278 -15.11 -19.03 -18.36
CA VAL A 278 -14.68 -17.74 -17.80
C VAL A 278 -13.16 -17.57 -17.70
N ALA A 279 -12.39 -18.47 -18.29
CA ALA A 279 -10.92 -18.45 -18.15
C ALA A 279 -10.24 -17.08 -18.30
N SER A 280 -10.66 -16.29 -19.30
CA SER A 280 -10.08 -14.96 -19.53
C SER A 280 -11.04 -13.83 -19.26
N ALA A 281 -12.20 -14.13 -18.66
CA ALA A 281 -13.37 -13.20 -18.61
C ALA A 281 -13.39 -12.18 -17.45
N SER A 282 -12.30 -11.44 -17.31
CA SER A 282 -12.22 -10.25 -16.48
C SER A 282 -12.20 -9.04 -17.40
N VAL A 283 -12.63 -7.89 -16.89
CA VAL A 283 -12.55 -6.64 -17.63
C VAL A 283 -11.09 -6.36 -18.01
N VAL A 284 -10.16 -6.51 -17.07
CA VAL A 284 -8.78 -6.11 -17.34
C VAL A 284 -8.18 -6.97 -18.45
N THR A 285 -8.45 -8.26 -18.44
CA THR A 285 -7.84 -9.18 -19.38
C THR A 285 -8.50 -9.09 -20.78
N ARG A 286 -9.81 -9.00 -20.85
CA ARG A 286 -10.48 -8.75 -22.11
C ARG A 286 -10.12 -7.37 -22.73
N ASN A 287 -9.87 -6.35 -21.87
CA ASN A 287 -9.33 -5.09 -22.37
C ASN A 287 -7.94 -5.24 -23.02
N ALA A 288 -7.06 -6.02 -22.38
CA ALA A 288 -5.72 -6.28 -22.93
C ALA A 288 -5.78 -7.06 -24.21
N MET A 289 -6.71 -8.02 -24.32
CA MET A 289 -6.93 -8.76 -25.55
C MET A 289 -7.39 -7.84 -26.68
N SER A 290 -8.36 -6.95 -26.36
CA SER A 290 -8.80 -5.95 -27.31
C SER A 290 -7.64 -5.04 -27.75
N ASP A 291 -6.84 -4.59 -26.80
CA ASP A 291 -5.70 -3.74 -27.15
C ASP A 291 -4.72 -4.43 -28.12
N LEU A 292 -4.51 -5.72 -27.94
CA LEU A 292 -3.58 -6.47 -28.79
C LEU A 292 -4.11 -6.66 -30.22
N VAL A 293 -5.42 -6.90 -30.36
CA VAL A 293 -6.07 -6.90 -31.66
C VAL A 293 -5.77 -5.58 -32.39
N VAL A 294 -6.03 -4.46 -31.72
CA VAL A 294 -5.87 -3.16 -32.35
C VAL A 294 -4.39 -2.84 -32.58
N ASP A 295 -3.54 -3.16 -31.60
CA ASP A 295 -2.10 -2.86 -31.75
C ASP A 295 -1.41 -3.69 -32.83
N ASN A 296 -1.95 -4.90 -33.09
CA ASN A 296 -1.52 -5.70 -34.24
C ASN A 296 -1.78 -5.01 -35.57
N LEU A 297 -3.00 -4.49 -35.72
CA LEU A 297 -3.38 -3.73 -36.89
C LEU A 297 -2.50 -2.47 -37.02
N LYS A 298 -2.33 -1.74 -35.94
CA LYS A 298 -1.51 -0.53 -36.00
C LYS A 298 -0.02 -0.84 -36.40
N ALA A 299 0.54 -1.90 -35.82
CA ALA A 299 1.90 -2.31 -36.17
C ALA A 299 2.02 -2.69 -37.68
N TRP A 300 1.01 -3.40 -38.16
CA TRP A 300 0.99 -3.84 -39.57
C TRP A 300 1.00 -2.65 -40.50
N PHE A 301 0.08 -1.71 -40.29
CA PHE A 301 -0.06 -0.56 -41.18
C PHE A 301 0.93 0.59 -40.94
N SER A 302 1.60 0.64 -39.80
CA SER A 302 2.61 1.68 -39.56
C SER A 302 4.05 1.19 -39.70
N THR A 303 4.31 -0.12 -39.55
CA THR A 303 5.66 -0.69 -39.65
C THR A 303 5.82 -1.83 -40.67
N GLY A 304 4.73 -2.42 -41.14
CA GLY A 304 4.78 -3.52 -42.11
C GLY A 304 4.95 -4.91 -41.51
N GLU A 305 4.89 -5.01 -40.18
CA GLU A 305 4.93 -6.29 -39.51
C GLU A 305 3.98 -6.27 -38.33
N ALA A 306 3.37 -7.43 -38.07
CA ALA A 306 2.42 -7.60 -36.99
C ALA A 306 3.16 -7.91 -35.70
N LEU A 307 2.47 -7.80 -34.56
CA LEU A 307 3.05 -8.15 -33.26
C LEU A 307 3.00 -9.65 -32.97
N THR A 308 1.83 -10.25 -33.17
CA THR A 308 1.60 -11.64 -32.81
C THR A 308 0.98 -12.42 -33.98
N PRO A 309 1.71 -12.51 -35.11
CA PRO A 309 1.21 -13.32 -36.21
C PRO A 309 1.22 -14.80 -35.82
N VAL A 310 0.26 -15.56 -36.34
CA VAL A 310 0.19 -17.00 -36.06
C VAL A 310 1.31 -17.73 -36.82
N ALA A 311 1.61 -18.95 -36.41
CA ALA A 311 2.71 -19.70 -36.97
C ALA A 311 2.53 -19.97 -38.49
N GLU A 312 1.29 -20.17 -38.93
CA GLU A 312 1.01 -20.46 -40.32
C GLU A 312 1.17 -19.28 -41.28
N THR A 313 1.22 -18.03 -40.78
CA THR A 313 1.30 -16.87 -41.62
C THR A 313 2.47 -15.93 -41.28
N PRO A 314 3.71 -16.38 -41.52
CA PRO A 314 4.89 -15.57 -41.15
C PRO A 314 5.20 -14.56 -42.26
N PHE A 315 4.32 -13.60 -42.48
CA PHE A 315 4.44 -12.73 -43.66
C PHE A 315 4.69 -11.29 -43.25
N ARG A 316 5.43 -10.57 -44.09
CA ARG A 316 5.60 -9.12 -43.94
C ARG A 316 4.77 -8.44 -44.99
N ARG A 317 4.40 -7.20 -44.76
CA ARG A 317 3.51 -6.50 -45.69
C ARG A 317 4.10 -6.24 -47.08
N ARG A 318 3.36 -6.60 -48.11
CA ARG A 318 3.82 -6.46 -49.49
C ARG A 318 3.56 -5.04 -50.02
N ALA A 319 4.31 -4.69 -51.06
CA ALA A 319 4.09 -3.48 -51.86
C ALA A 319 2.67 -3.35 -52.43
N ILE A 320 2.20 -2.11 -52.49
CA ILE A 320 0.86 -1.79 -52.97
C ILE A 320 0.97 -0.89 -54.18
N GLN A 321 0.34 -1.30 -55.28
CA GLN A 321 0.40 -0.56 -56.56
C GLN A 321 -0.57 0.62 -56.67
N ARG B 3 -2.35 59.14 32.58
CA ARG B 3 -2.51 57.87 31.81
C ARG B 3 -2.00 56.69 32.62
N PRO B 4 -2.65 55.51 32.50
CA PRO B 4 -2.19 54.38 33.30
C PRO B 4 -0.73 54.02 33.00
N ARG B 5 -0.01 53.60 34.03
CA ARG B 5 1.39 53.30 33.90
C ARG B 5 1.56 51.79 33.87
N ILE B 6 2.31 51.31 32.87
CA ILE B 6 2.48 49.88 32.63
C ILE B 6 3.96 49.54 32.80
N LEU B 7 4.26 48.60 33.70
CA LEU B 7 5.62 48.14 33.87
C LEU B 7 5.95 47.11 32.81
N VAL B 8 7.15 47.23 32.23
CA VAL B 8 7.72 46.17 31.40
C VAL B 8 9.05 45.74 32.04
N PRO B 9 9.10 44.52 32.60
CA PRO B 9 10.34 44.05 33.21
C PRO B 9 11.18 43.23 32.24
N GLY B 10 12.43 43.65 32.02
CA GLY B 10 13.36 42.91 31.16
C GLY B 10 13.00 43.02 29.69
N LYS B 11 13.29 41.96 28.94
CA LYS B 11 13.10 41.97 27.49
C LYS B 11 11.65 41.68 27.12
N ILE B 12 11.18 42.37 26.09
CA ILE B 12 9.91 42.05 25.46
C ILE B 12 9.96 42.45 23.98
N ASN B 13 9.12 41.80 23.16
CA ASN B 13 9.05 42.13 21.75
C ASN B 13 8.87 43.63 21.54
N PRO B 14 9.69 44.23 20.65
CA PRO B 14 9.66 45.69 20.52
C PRO B 14 8.33 46.27 20.06
N ARG B 15 7.51 45.47 19.39
CA ARG B 15 6.15 45.90 19.04
C ARG B 15 5.28 46.27 20.24
N VAL B 16 5.45 45.59 21.37
CA VAL B 16 4.78 45.96 22.62
C VAL B 16 5.18 47.39 23.00
N LEU B 17 6.48 47.61 23.05
CA LEU B 17 7.05 48.94 23.39
C LEU B 17 6.60 50.01 22.41
N GLU B 18 6.51 49.66 21.13
CA GLU B 18 6.08 50.60 20.10
C GLU B 18 4.66 51.10 20.31
N ARG B 19 3.76 50.19 20.70
CA ARG B 19 2.33 50.49 20.76
C ARG B 19 1.79 50.96 22.12
N LEU B 20 2.49 50.66 23.20
CA LEU B 20 2.07 51.11 24.55
C LEU B 20 1.77 52.61 24.63
N PRO B 21 2.58 53.48 23.98
CA PRO B 21 2.28 54.92 24.03
C PRO B 21 0.96 55.37 23.43
N GLU B 22 0.25 54.50 22.72
CA GLU B 22 -1.12 54.78 22.26
C GLU B 22 -2.04 55.18 23.42
N MET B 23 -1.84 54.57 24.59
CA MET B 23 -2.66 54.83 25.78
C MET B 23 -1.90 54.98 27.10
N PHE B 24 -0.64 54.57 27.13
CA PHE B 24 0.03 54.30 28.41
C PHE B 24 1.37 55.00 28.53
N GLU B 25 1.80 55.17 29.77
CA GLU B 25 3.16 55.55 30.12
C GLU B 25 3.87 54.24 30.49
N THR B 26 5.02 54.01 29.88
CA THR B 26 5.74 52.75 30.08
C THR B 26 6.77 52.95 31.17
N VAL B 27 6.86 52.01 32.10
CA VAL B 27 7.88 52.03 33.14
C VAL B 27 8.76 50.82 32.90
N ARG B 28 10.04 51.06 32.63
CA ARG B 28 10.96 49.98 32.30
C ARG B 28 11.84 49.68 33.48
N ILE B 29 12.04 48.41 33.79
CA ILE B 29 13.13 47.99 34.67
C ILE B 29 13.92 46.90 33.95
N GLU B 30 15.21 46.87 34.24
CA GLU B 30 16.19 46.07 33.51
C GLU B 30 15.94 44.56 33.62
N ARG B 31 15.43 44.11 34.77
CA ARG B 31 15.16 42.68 35.02
C ARG B 31 13.88 42.55 35.82
N ALA B 32 13.28 41.36 35.77
CA ALA B 32 12.10 41.04 36.58
C ALA B 32 12.52 40.77 38.04
N ASP B 33 12.81 41.85 38.77
CA ASP B 33 13.43 41.81 40.10
C ASP B 33 12.86 42.94 40.97
N ALA B 34 12.23 42.58 42.09
CA ALA B 34 11.60 43.55 43.00
C ALA B 34 12.58 44.60 43.54
N ALA B 35 13.87 44.23 43.63
CA ALA B 35 14.91 45.16 44.05
C ALA B 35 15.02 46.43 43.17
N LEU B 36 14.57 46.34 41.91
CA LEU B 36 14.61 47.47 40.98
C LEU B 36 13.38 48.39 41.02
N VAL B 37 12.42 48.11 41.90
CA VAL B 37 11.20 48.93 42.00
C VAL B 37 11.48 50.12 42.92
N THR B 38 11.25 51.34 42.42
CA THR B 38 11.42 52.56 43.21
C THR B 38 10.07 53.03 43.74
N ALA B 39 10.11 53.96 44.68
CA ALA B 39 8.90 54.46 45.36
C ALA B 39 7.89 55.06 44.38
N ASP B 40 8.39 55.83 43.40
CA ASP B 40 7.48 56.47 42.43
C ASP B 40 6.82 55.49 41.47
N MET B 41 7.29 54.25 41.39
CA MET B 41 6.63 53.22 40.58
C MET B 41 5.40 52.59 41.23
N ARG B 42 5.13 52.91 42.49
CA ARG B 42 4.04 52.26 43.23
C ARG B 42 2.62 52.58 42.72
N ASP B 43 2.48 53.57 41.83
CA ASP B 43 1.19 53.82 41.15
C ASP B 43 0.97 52.98 39.86
N VAL B 44 1.91 52.10 39.52
CA VAL B 44 1.76 51.21 38.35
C VAL B 44 0.49 50.38 38.49
N SER B 45 -0.31 50.33 37.43
CA SER B 45 -1.56 49.56 37.45
C SER B 45 -1.61 48.36 36.50
N GLY B 46 -0.60 48.19 35.66
CA GLY B 46 -0.55 47.06 34.73
C GLY B 46 0.88 46.59 34.50
N ILE B 47 1.02 45.32 34.15
CA ILE B 47 2.30 44.76 33.72
C ILE B 47 2.13 44.10 32.32
N ALA B 48 3.13 44.33 31.46
CA ALA B 48 3.29 43.57 30.23
C ALA B 48 4.59 42.79 30.39
N VAL B 49 4.51 41.47 30.26
CA VAL B 49 5.67 40.63 30.56
C VAL B 49 5.77 39.40 29.65
N SER B 50 7.02 39.08 29.33
CA SER B 50 7.41 37.85 28.66
C SER B 50 8.29 37.08 29.62
N GLY B 51 7.88 35.85 29.96
CA GLY B 51 8.67 34.98 30.83
C GLY B 51 8.22 35.08 32.29
N LYS B 52 9.19 34.96 33.19
CA LYS B 52 8.96 34.88 34.63
C LYS B 52 8.53 36.22 35.24
N LEU B 53 7.48 36.17 36.05
CA LEU B 53 7.08 37.32 36.87
C LEU B 53 7.11 36.84 38.33
N PRO B 54 8.23 37.06 39.02
CA PRO B 54 8.28 36.62 40.41
C PRO B 54 7.23 37.32 41.28
N VAL B 55 6.70 36.56 42.24
CA VAL B 55 5.67 37.06 43.14
C VAL B 55 6.08 38.34 43.91
N PRO B 56 7.33 38.41 44.42
CA PRO B 56 7.75 39.66 45.10
C PRO B 56 7.69 40.90 44.19
N LEU B 57 7.99 40.73 42.91
CA LEU B 57 7.82 41.82 41.95
C LEU B 57 6.35 42.18 41.74
N MET B 58 5.50 41.18 41.57
CA MET B 58 4.06 41.39 41.38
C MET B 58 3.45 42.09 42.60
N ASP B 59 3.87 41.64 43.80
CA ASP B 59 3.35 42.17 45.05
C ASP B 59 3.98 43.49 45.50
N ALA B 60 4.97 44.00 44.77
CA ALA B 60 5.48 45.37 45.00
C ALA B 60 4.55 46.47 44.48
N PHE B 61 3.47 46.11 43.79
CA PHE B 61 2.57 47.08 43.16
C PHE B 61 1.17 46.98 43.77
N PRO B 62 0.87 47.83 44.77
CA PRO B 62 -0.43 47.71 45.44
C PRO B 62 -1.64 48.06 44.57
N SER B 63 -1.45 48.83 43.50
CA SER B 63 -2.53 49.22 42.57
C SER B 63 -2.61 48.38 41.30
N LEU B 64 -1.87 47.26 41.25
CA LEU B 64 -1.80 46.40 40.09
C LEU B 64 -3.17 45.77 39.82
N GLU B 65 -3.64 45.89 38.58
CA GLU B 65 -4.92 45.35 38.15
C GLU B 65 -4.84 44.21 37.14
N ILE B 66 -3.81 44.25 36.29
CA ILE B 66 -3.75 43.38 35.11
C ILE B 66 -2.29 43.03 34.78
N VAL B 67 -2.08 41.76 34.48
CA VAL B 67 -0.81 41.25 33.94
C VAL B 67 -1.11 40.69 32.55
N ALA B 68 -0.60 41.37 31.52
CA ALA B 68 -0.71 40.93 30.13
C ALA B 68 0.53 40.13 29.77
N ASN B 69 0.36 38.81 29.75
CA ASN B 69 1.41 37.85 29.46
C ASN B 69 1.60 37.68 27.94
N PHE B 70 2.86 37.79 27.50
CA PHE B 70 3.25 37.52 26.11
C PHE B 70 3.43 36.00 25.92
N GLY B 71 2.54 35.38 25.16
CA GLY B 71 2.59 33.94 24.90
C GLY B 71 1.27 33.29 25.27
N VAL B 72 0.98 32.16 24.66
CA VAL B 72 -0.21 31.38 25.05
C VAL B 72 0.04 30.73 26.42
N GLY B 73 1.28 30.28 26.67
CA GLY B 73 1.70 29.78 27.99
C GLY B 73 2.00 30.91 28.98
N TYR B 74 1.52 30.77 30.21
CA TYR B 74 1.68 31.79 31.25
C TYR B 74 2.18 31.21 32.60
N ASP B 75 3.08 30.21 32.49
CA ASP B 75 3.67 29.51 33.63
C ASP B 75 4.45 30.42 34.56
N GLY B 76 5.09 31.43 33.97
CA GLY B 76 5.89 32.38 34.75
C GLY B 76 5.11 33.35 35.60
N VAL B 77 3.77 33.36 35.49
CA VAL B 77 2.91 34.19 36.33
C VAL B 77 2.24 33.28 37.35
N ASP B 78 2.34 33.67 38.63
CA ASP B 78 1.66 32.98 39.73
C ASP B 78 0.18 33.36 39.70
N VAL B 79 -0.58 32.58 38.93
CA VAL B 79 -1.97 32.88 38.68
C VAL B 79 -2.86 32.74 39.92
N SER B 80 -2.55 31.80 40.82
CA SER B 80 -3.31 31.67 42.08
C SER B 80 -3.15 32.92 42.96
N ARG B 81 -1.94 33.46 43.03
CA ARG B 81 -1.70 34.70 43.76
C ARG B 81 -2.40 35.90 43.11
N ALA B 82 -2.33 35.99 41.78
CA ALA B 82 -3.07 37.00 41.02
C ALA B 82 -4.57 36.92 41.31
N ALA B 83 -5.11 35.70 41.25
CA ALA B 83 -6.53 35.45 41.51
C ALA B 83 -6.95 35.90 42.90
N ALA B 84 -6.13 35.55 43.90
CA ALA B 84 -6.36 35.97 45.28
C ALA B 84 -6.42 37.49 45.44
N ARG B 85 -5.64 38.22 44.63
CA ARG B 85 -5.66 39.69 44.69
C ARG B 85 -6.71 40.35 43.77
N GLY B 86 -7.52 39.54 43.06
CA GLY B 86 -8.44 40.08 42.04
C GLY B 86 -7.76 40.65 40.80
N ILE B 87 -6.55 40.17 40.49
CA ILE B 87 -5.77 40.66 39.35
C ILE B 87 -6.08 39.77 38.15
N VAL B 88 -6.45 40.40 37.04
CA VAL B 88 -6.69 39.67 35.79
C VAL B 88 -5.35 39.39 35.07
N VAL B 89 -5.18 38.16 34.61
CA VAL B 89 -4.03 37.77 33.80
C VAL B 89 -4.54 37.43 32.40
N THR B 90 -3.88 37.95 31.37
CA THR B 90 -4.23 37.67 29.99
C THR B 90 -3.08 36.98 29.28
N ASN B 91 -3.39 36.19 28.28
CA ASN B 91 -2.38 35.51 27.46
C ASN B 91 -2.63 35.85 25.98
N THR B 92 -1.92 35.18 25.05
CA THR B 92 -2.09 35.43 23.62
C THR B 92 -2.43 34.15 22.86
N PRO B 93 -3.66 33.63 23.04
CA PRO B 93 -4.04 32.46 22.23
C PRO B 93 -4.44 32.86 20.81
N ASP B 94 -4.62 31.87 19.94
CA ASP B 94 -5.23 31.99 18.60
C ASP B 94 -4.42 32.71 17.51
N VAL B 95 -3.80 33.82 17.84
CA VAL B 95 -3.03 34.60 16.84
C VAL B 95 -1.76 33.89 16.30
N LEU B 96 -1.33 32.84 16.98
CA LEU B 96 -0.12 32.06 16.64
C LEU B 96 -0.40 30.69 16.06
N THR B 97 -1.68 30.32 15.97
CA THR B 97 -2.07 28.96 15.59
C THR B 97 -1.49 28.48 14.27
N GLU B 98 -1.63 29.30 13.23
CA GLU B 98 -1.18 28.90 11.89
C GLU B 98 0.34 28.81 11.81
N GLU B 99 1.02 29.74 12.49
CA GLU B 99 2.48 29.73 12.48
C GLU B 99 3.01 28.48 13.18
N VAL B 100 2.36 28.06 14.27
CA VAL B 100 2.75 26.88 15.03
C VAL B 100 2.52 25.62 14.21
N ALA B 101 1.39 25.57 13.52
CA ALA B 101 1.11 24.47 12.59
C ALA B 101 2.15 24.37 11.45
N ASP B 102 2.56 25.52 10.91
CA ASP B 102 3.64 25.58 9.91
C ASP B 102 4.94 24.96 10.45
N THR B 103 5.30 25.36 11.67
CA THR B 103 6.51 24.87 12.28
C THR B 103 6.44 23.37 12.52
N ALA B 104 5.30 22.88 12.97
CA ALA B 104 5.12 21.46 13.22
C ALA B 104 5.35 20.65 11.96
N ILE B 105 4.79 21.09 10.85
CA ILE B 105 5.00 20.40 9.57
C ILE B 105 6.47 20.47 9.12
N GLY B 106 7.09 21.63 9.26
CA GLY B 106 8.51 21.79 8.96
C GLY B 106 9.39 20.83 9.76
N LEU B 107 9.12 20.77 11.06
CA LEU B 107 9.85 19.90 11.97
C LEU B 107 9.64 18.42 11.60
N LEU B 108 8.41 18.07 11.26
CA LEU B 108 8.09 16.69 10.84
C LEU B 108 8.86 16.31 9.58
N LEU B 109 8.83 17.16 8.56
CA LEU B 109 9.54 16.88 7.31
C LEU B 109 11.06 16.80 7.52
N ASN B 110 11.60 17.69 8.35
CA ASN B 110 13.03 17.68 8.65
C ASN B 110 13.44 16.42 9.42
N THR B 111 12.57 15.93 10.29
CA THR B 111 12.84 14.72 11.06
C THR B 111 12.81 13.50 10.17
N LEU B 112 11.83 13.44 9.27
CA LEU B 112 11.67 12.26 8.39
C LEU B 112 12.70 12.20 7.25
N ARG B 113 12.92 13.33 6.59
CA ARG B 113 13.74 13.40 5.38
C ARG B 113 15.17 13.90 5.62
N LEU B 114 15.50 14.24 6.86
CA LEU B 114 16.86 14.60 7.25
C LEU B 114 17.39 15.82 6.49
N LEU B 115 16.50 16.78 6.19
CA LEU B 115 16.87 17.91 5.37
C LEU B 115 17.96 18.79 5.99
N PRO B 116 17.92 19.04 7.32
CA PRO B 116 19.01 19.85 7.90
C PRO B 116 20.38 19.16 7.80
N GLN B 117 20.41 17.84 7.95
CA GLN B 117 21.62 17.05 7.81
C GLN B 117 22.11 17.02 6.35
N ALA B 118 21.17 16.93 5.41
CA ALA B 118 21.48 17.00 3.96
C ALA B 118 22.15 18.33 3.65
N GLU B 119 21.58 19.42 4.16
CA GLU B 119 22.14 20.75 3.97
C GLU B 119 23.53 20.87 4.58
N GLN B 120 23.73 20.30 5.78
CA GLN B 120 25.07 20.35 6.40
C GLN B 120 26.10 19.57 5.54
N TRP B 121 25.67 18.43 5.01
CA TRP B 121 26.49 17.61 4.14
C TRP B 121 26.99 18.39 2.92
N LEU B 122 26.09 19.12 2.29
CA LEU B 122 26.42 20.03 1.18
C LEU B 122 27.34 21.15 1.64
N ARG B 123 27.03 21.81 2.74
CA ARG B 123 27.82 22.97 3.19
C ARG B 123 29.25 22.59 3.66
N GLN B 124 29.43 21.36 4.09
CA GLN B 124 30.75 20.80 4.42
C GLN B 124 31.59 20.36 3.20
N GLY B 125 31.04 20.50 2.00
CA GLY B 125 31.75 20.20 0.75
C GLY B 125 31.59 18.74 0.32
N ARG B 126 30.70 17.98 0.97
CA ARG B 126 30.70 16.53 0.79
C ARG B 126 30.05 16.03 -0.52
N TRP B 127 29.16 16.84 -1.08
CA TRP B 127 28.53 16.49 -2.36
C TRP B 127 29.56 16.30 -3.45
N VAL B 128 30.53 17.21 -3.46
CA VAL B 128 31.67 17.16 -4.37
C VAL B 128 32.51 15.91 -4.16
N ARG B 129 32.96 15.69 -2.94
CA ARG B 129 33.95 14.63 -2.66
C ARG B 129 33.36 13.23 -2.52
N GLU B 130 32.09 13.11 -2.06
CA GLU B 130 31.49 11.81 -1.75
C GLU B 130 30.30 11.39 -2.62
N GLY B 131 29.58 12.31 -3.19
CA GLY B 131 28.69 11.97 -4.33
C GLY B 131 27.21 12.14 -4.22
N ALA B 132 26.57 11.52 -3.23
CA ALA B 132 25.15 11.77 -2.90
C ALA B 132 24.95 11.60 -1.41
N PHE B 133 24.11 12.44 -0.81
CA PHE B 133 23.70 12.26 0.59
C PHE B 133 23.01 10.92 0.69
N PRO B 134 23.25 10.14 1.77
CA PRO B 134 22.50 8.86 1.90
C PRO B 134 21.00 9.06 1.83
N LEU B 135 20.32 8.03 1.32
CA LEU B 135 18.86 8.03 1.31
C LEU B 135 18.33 8.07 2.76
N SER B 136 17.30 8.89 3.00
CA SER B 136 16.67 8.95 4.30
C SER B 136 15.94 7.64 4.54
N PRO B 137 16.20 6.96 5.69
CA PRO B 137 15.44 5.72 5.93
C PRO B 137 13.93 5.93 6.09
N LEU B 138 13.52 7.13 6.48
CA LEU B 138 12.12 7.44 6.68
C LEU B 138 11.56 8.40 5.65
N SER B 139 10.24 8.53 5.68
CA SER B 139 9.51 9.35 4.74
C SER B 139 8.12 9.61 5.29
N LEU B 140 7.49 10.69 4.83
CA LEU B 140 6.09 10.96 5.19
C LEU B 140 5.14 10.05 4.43
N ARG B 141 5.59 9.49 3.30
CA ARG B 141 4.74 8.59 2.46
C ARG B 141 4.27 7.40 3.27
N GLY B 142 2.97 7.13 3.21
CA GLY B 142 2.39 6.00 3.90
C GLY B 142 2.21 6.14 5.41
N ARG B 143 2.51 7.32 5.99
CA ARG B 143 2.41 7.50 7.43
C ARG B 143 0.99 7.72 7.96
N THR B 144 0.81 7.40 9.23
CA THR B 144 -0.44 7.61 9.96
C THR B 144 -0.15 8.48 11.17
N VAL B 145 -0.90 9.57 11.33
CA VAL B 145 -0.58 10.53 12.37
C VAL B 145 -1.62 10.51 13.49
N GLY B 146 -1.10 10.49 14.72
CA GLY B 146 -1.92 10.59 15.91
C GLY B 146 -1.58 11.90 16.59
N LEU B 147 -2.59 12.75 16.81
CA LEU B 147 -2.42 13.98 17.56
C LEU B 147 -2.76 13.79 19.05
N PHE B 148 -1.79 14.06 19.92
CA PHE B 148 -2.01 14.11 21.36
C PHE B 148 -2.37 15.54 21.69
N GLY B 149 -3.65 15.78 21.88
CA GLY B 149 -4.22 17.11 21.97
C GLY B 149 -4.85 17.47 20.63
N LEU B 150 -5.89 18.30 20.64
CA LEU B 150 -6.46 18.83 19.41
C LEU B 150 -6.47 20.38 19.50
N GLY B 151 -7.61 20.99 19.80
CA GLY B 151 -7.74 22.43 19.76
C GLY B 151 -7.58 23.01 18.35
N ARG B 152 -7.50 24.34 18.29
CA ARG B 152 -7.29 25.02 17.04
C ARG B 152 -5.94 24.66 16.40
N ILE B 153 -4.88 24.49 17.18
CA ILE B 153 -3.58 24.08 16.64
C ILE B 153 -3.68 22.69 15.99
N GLY B 154 -4.32 21.75 16.67
CA GLY B 154 -4.53 20.41 16.16
C GLY B 154 -5.36 20.39 14.85
N LEU B 155 -6.43 21.17 14.79
CA LEU B 155 -7.19 21.32 13.56
C LEU B 155 -6.36 21.89 12.40
N ALA B 156 -5.51 22.87 12.70
CA ALA B 156 -4.67 23.48 11.67
C ALA B 156 -3.61 22.51 11.13
N ILE B 157 -3.00 21.75 12.04
CA ILE B 157 -2.05 20.69 11.67
C ILE B 157 -2.75 19.59 10.87
N ALA B 158 -3.96 19.21 11.29
CA ALA B 158 -4.69 18.17 10.59
C ALA B 158 -5.02 18.60 9.19
N ARG B 159 -5.41 19.87 9.03
CA ARG B 159 -5.73 20.42 7.72
C ARG B 159 -4.52 20.33 6.75
N ARG B 160 -3.34 20.67 7.24
CA ARG B 160 -2.14 20.57 6.43
C ARG B 160 -1.85 19.11 6.08
N LEU B 161 -1.88 18.22 7.09
CA LEU B 161 -1.53 16.82 6.89
C LEU B 161 -2.45 16.09 5.91
N GLU B 162 -3.75 16.43 5.89
CA GLU B 162 -4.71 15.83 4.93
C GLU B 162 -4.25 16.08 3.50
N ALA B 163 -3.69 17.26 3.23
CA ALA B 163 -3.19 17.59 1.90
C ALA B 163 -1.92 16.83 1.49
N PHE B 164 -1.18 16.29 2.46
CA PHE B 164 -0.04 15.39 2.21
C PHE B 164 -0.49 13.93 2.08
N GLY B 165 -1.79 13.67 2.13
CA GLY B 165 -2.31 12.33 2.01
C GLY B 165 -2.09 11.43 3.21
N VAL B 166 -1.95 11.97 4.43
CA VAL B 166 -1.85 11.13 5.62
C VAL B 166 -3.15 11.17 6.41
N SER B 167 -3.54 10.04 6.99
CA SER B 167 -4.73 9.98 7.85
C SER B 167 -4.40 10.61 9.21
N ILE B 168 -5.42 11.14 9.85
CA ILE B 168 -5.29 11.80 11.16
C ILE B 168 -6.22 11.18 12.19
N ALA B 169 -5.66 10.89 13.35
CA ALA B 169 -6.42 10.48 14.52
C ALA B 169 -5.99 11.36 15.69
N TYR B 170 -6.76 11.36 16.79
CA TYR B 170 -6.43 12.18 17.95
C TYR B 170 -6.84 11.57 19.26
N HIS B 171 -6.11 11.95 20.31
CA HIS B 171 -6.41 11.60 21.67
C HIS B 171 -6.54 12.84 22.55
N THR B 172 -7.65 12.94 23.27
CA THR B 172 -7.90 13.92 24.31
C THR B 172 -8.72 13.19 25.37
N ARG B 173 -8.90 13.81 26.53
CA ARG B 173 -9.67 13.18 27.61
C ARG B 173 -11.14 12.97 27.23
N THR B 174 -11.74 13.96 26.56
CA THR B 174 -13.09 13.82 25.96
C THR B 174 -13.08 14.04 24.45
N PRO B 175 -13.86 13.23 23.70
CA PRO B 175 -13.94 13.43 22.25
C PRO B 175 -14.56 14.77 21.86
N ARG B 176 -14.27 15.21 20.65
CA ARG B 176 -14.83 16.46 20.08
C ARG B 176 -15.98 16.04 19.12
N GLU B 177 -17.15 16.62 19.31
CA GLU B 177 -18.29 16.35 18.46
C GLU B 177 -18.06 17.01 17.09
N GLY B 178 -18.40 16.30 16.02
CA GLY B 178 -18.53 16.91 14.68
C GLY B 178 -17.41 16.62 13.70
N LEU B 179 -16.19 16.52 14.20
CA LEU B 179 -15.00 16.41 13.33
C LEU B 179 -14.87 14.99 12.78
N GLY B 180 -14.50 14.87 11.52
CA GLY B 180 -14.23 13.58 10.90
C GLY B 180 -12.85 12.96 11.13
N PHE B 181 -12.32 13.07 12.33
CA PHE B 181 -11.09 12.34 12.71
C PHE B 181 -11.49 11.25 13.69
N THR B 182 -10.73 10.17 13.68
CA THR B 182 -10.93 9.07 14.63
C THR B 182 -10.39 9.46 16.00
N TYR B 183 -11.26 9.31 16.99
CA TYR B 183 -10.91 9.56 18.38
C TYR B 183 -10.39 8.28 19.03
N HIS B 184 -9.28 8.41 19.74
CA HIS B 184 -8.72 7.33 20.58
C HIS B 184 -8.91 7.69 22.07
N PRO B 185 -9.62 6.83 22.82
CA PRO B 185 -9.81 7.05 24.24
C PRO B 185 -8.54 7.01 25.08
N THR B 186 -7.49 6.32 24.60
CA THR B 186 -6.24 6.21 25.33
C THR B 186 -5.04 6.57 24.46
N LEU B 187 -4.01 7.09 25.11
CA LEU B 187 -2.79 7.48 24.44
C LEU B 187 -2.04 6.28 23.90
N VAL B 188 -1.94 5.21 24.71
CA VAL B 188 -1.26 3.99 24.27
C VAL B 188 -1.96 3.34 23.07
N GLY B 189 -3.30 3.33 23.10
CA GLY B 189 -4.09 2.77 21.99
C GLY B 189 -3.83 3.52 20.68
N MET B 190 -3.83 4.85 20.75
CA MET B 190 -3.53 5.66 19.58
C MET B 190 -2.09 5.38 19.08
N ALA B 191 -1.13 5.32 20.01
CA ALA B 191 0.26 5.11 19.66
C ALA B 191 0.45 3.75 19.00
N GLU B 192 -0.26 2.75 19.48
CA GLU B 192 -0.34 1.44 18.79
C GLU B 192 -0.77 1.54 17.34
N ALA B 193 -1.87 2.27 17.10
CA ALA B 193 -2.47 2.36 15.77
C ALA B 193 -1.69 3.21 14.79
N VAL B 194 -0.88 4.15 15.27
CA VAL B 194 -0.18 5.07 14.38
C VAL B 194 1.32 4.84 14.38
N ASP B 195 2.01 5.48 13.45
CA ASP B 195 3.47 5.47 13.43
C ASP B 195 4.09 6.84 13.65
N THR B 196 3.25 7.86 13.79
CA THR B 196 3.73 9.24 13.98
C THR B 196 2.85 9.90 15.04
N LEU B 197 3.47 10.30 16.15
CA LEU B 197 2.77 10.89 17.28
C LEU B 197 3.20 12.35 17.42
N ILE B 198 2.24 13.27 17.25
CA ILE B 198 2.48 14.71 17.36
C ILE B 198 1.82 15.23 18.63
N VAL B 199 2.63 15.76 19.53
CA VAL B 199 2.23 16.24 20.84
C VAL B 199 1.99 17.74 20.73
N ILE B 200 0.75 18.13 20.93
CA ILE B 200 0.31 19.53 20.93
C ILE B 200 -0.38 19.96 22.23
N VAL B 201 -0.70 19.04 23.13
CA VAL B 201 -1.38 19.35 24.40
C VAL B 201 -0.99 20.64 25.14
N PRO B 202 -1.99 21.49 25.46
CA PRO B 202 -1.70 22.66 26.29
C PRO B 202 -0.92 22.39 27.58
N ALA B 205 -3.96 19.45 30.97
CA ALA B 205 -3.19 20.40 31.75
C ALA B 205 -2.18 19.71 32.66
N SER B 206 -2.57 18.59 33.27
CA SER B 206 -1.64 17.67 33.90
C SER B 206 -1.50 16.52 32.88
N THR B 207 -0.68 16.78 31.86
CA THR B 207 -0.20 15.75 30.93
C THR B 207 1.23 15.36 31.24
N LEU B 208 1.68 15.58 32.47
CA LEU B 208 3.09 15.53 32.85
C LEU B 208 3.69 14.13 32.69
N LYS B 209 4.74 14.06 31.85
CA LYS B 209 5.34 12.77 31.42
C LYS B 209 4.36 11.70 30.88
N ALA B 210 3.26 12.12 30.28
CA ALA B 210 2.28 11.19 29.71
C ALA B 210 2.87 10.37 28.52
N VAL B 211 3.79 10.97 27.75
CA VAL B 211 4.53 10.22 26.75
C VAL B 211 5.69 9.48 27.43
N ASN B 212 5.42 8.26 27.86
CA ASN B 212 6.31 7.49 28.73
C ASN B 212 6.80 6.25 27.97
N ALA B 213 7.52 5.35 28.64
CA ALA B 213 8.10 4.18 28.00
C ALA B 213 7.03 3.31 27.30
N ASP B 214 5.90 3.12 27.97
CA ASP B 214 4.78 2.38 27.38
C ASP B 214 4.26 2.99 26.09
N VAL B 215 4.12 4.32 26.07
CA VAL B 215 3.61 5.01 24.88
C VAL B 215 4.59 4.88 23.72
N LEU B 216 5.87 5.08 24.01
CA LEU B 216 6.91 4.99 23.00
C LEU B 216 7.05 3.58 22.45
N SER B 217 6.94 2.60 23.33
CA SER B 217 6.98 1.20 22.89
C SER B 217 5.78 0.86 21.95
N ALA B 218 4.60 1.39 22.27
CA ALA B 218 3.42 1.19 21.43
C ALA B 218 3.57 1.88 20.05
N LEU B 219 4.21 3.04 20.06
CA LEU B 219 4.48 3.82 18.83
C LEU B 219 5.21 2.94 17.81
N GLY B 220 6.25 2.25 18.29
CA GLY B 220 6.85 1.10 17.58
C GLY B 220 8.11 1.45 16.80
N PRO B 221 8.76 0.44 16.19
CA PRO B 221 10.09 0.62 15.61
C PRO B 221 10.17 1.50 14.35
N LYS B 222 9.04 1.81 13.72
CA LYS B 222 8.97 2.85 12.67
C LYS B 222 8.42 4.17 13.20
N GLY B 223 8.25 4.24 14.52
CA GLY B 223 7.61 5.36 15.16
C GLY B 223 8.44 6.62 15.21
N VAL B 224 7.76 7.75 15.00
CA VAL B 224 8.38 9.06 15.10
C VAL B 224 7.56 9.93 16.03
N LEU B 225 8.27 10.59 16.98
CA LEU B 225 7.68 11.51 17.93
C LEU B 225 8.03 12.95 17.56
N ILE B 226 7.01 13.79 17.44
CA ILE B 226 7.16 15.22 17.24
C ILE B 226 6.56 15.91 18.45
N ASN B 227 7.33 16.79 19.12
CA ASN B 227 6.81 17.58 20.22
C ASN B 227 6.90 19.06 19.90
N VAL B 228 5.73 19.68 19.73
CA VAL B 228 5.58 21.12 19.64
C VAL B 228 4.60 21.65 20.71
N GLY B 229 4.39 20.89 21.78
CA GLY B 229 3.56 21.33 22.93
C GLY B 229 4.34 21.86 24.11
N ARG B 230 4.32 21.10 25.23
CA ARG B 230 5.17 21.38 26.37
C ARG B 230 6.21 20.26 26.47
N GLY B 231 7.44 20.67 26.78
CA GLY B 231 8.52 19.71 26.97
C GLY B 231 8.27 18.67 28.02
N SER B 232 7.60 19.10 29.08
CA SER B 232 7.32 18.25 30.24
C SER B 232 6.28 17.15 30.02
N THR B 233 5.56 17.20 28.90
CA THR B 233 4.65 16.13 28.50
C THR B 233 5.39 14.86 28.09
N VAL B 234 6.65 14.99 27.68
CA VAL B 234 7.44 13.85 27.28
C VAL B 234 8.41 13.48 28.38
N ASP B 235 8.49 12.19 28.68
CA ASP B 235 9.49 11.66 29.63
C ASP B 235 10.82 11.59 28.88
N GLU B 236 11.64 12.63 29.06
CA GLU B 236 12.87 12.81 28.31
C GLU B 236 13.86 11.64 28.46
N ALA B 237 14.04 11.15 29.68
CA ALA B 237 14.89 10.00 29.92
C ALA B 237 14.35 8.75 29.21
N ALA B 238 13.04 8.56 29.23
CA ALA B 238 12.44 7.42 28.52
C ALA B 238 12.60 7.56 27.01
N LEU B 239 12.50 8.79 26.49
CA LEU B 239 12.75 9.03 25.06
C LEU B 239 14.18 8.67 24.67
N VAL B 240 15.15 9.12 25.44
CA VAL B 240 16.56 8.84 25.16
C VAL B 240 16.77 7.33 25.11
N THR B 241 16.23 6.60 26.09
CA THR B 241 16.35 5.14 26.13
C THR B 241 15.72 4.48 24.89
N ALA B 242 14.55 4.96 24.48
CA ALA B 242 13.85 4.43 23.30
C ALA B 242 14.64 4.67 21.98
N LEU B 243 15.22 5.85 21.83
CA LEU B 243 16.10 6.16 20.69
C LEU B 243 17.37 5.31 20.72
N GLN B 244 18.02 5.25 21.86
CA GLN B 244 19.24 4.44 22.06
C GLN B 244 19.01 2.97 21.65
N ASN B 245 17.86 2.40 21.98
CA ASN B 245 17.60 0.98 21.77
C ASN B 245 16.81 0.66 20.50
N GLY B 246 16.50 1.67 19.68
CA GLY B 246 15.74 1.46 18.47
C GLY B 246 14.28 1.10 18.70
N THR B 247 13.77 1.40 19.88
CA THR B 247 12.36 1.21 20.19
C THR B 247 11.49 2.09 19.29
N ILE B 248 11.95 3.32 19.03
CA ILE B 248 11.39 4.18 17.99
C ILE B 248 12.45 4.56 16.95
N ALA B 249 11.97 5.09 15.82
CA ALA B 249 12.81 5.35 14.65
C ALA B 249 13.35 6.77 14.61
N GLY B 250 12.68 7.71 15.26
CA GLY B 250 13.13 9.08 15.23
C GLY B 250 12.30 10.04 16.07
N ALA B 251 12.80 11.27 16.20
CA ALA B 251 12.10 12.31 16.89
C ALA B 251 12.47 13.72 16.47
N GLY B 252 11.47 14.60 16.57
CA GLY B 252 11.65 16.03 16.30
C GLY B 252 11.08 16.81 17.48
N LEU B 253 11.89 17.64 18.12
CA LEU B 253 11.49 18.30 19.36
C LEU B 253 11.77 19.79 19.27
N ASP B 254 10.73 20.59 19.52
CA ASP B 254 10.84 22.05 19.61
C ASP B 254 10.80 22.52 21.07
N VAL B 255 10.54 21.61 22.01
CA VAL B 255 10.35 21.95 23.43
C VAL B 255 10.99 20.85 24.29
N PHE B 256 11.40 21.23 25.48
CA PHE B 256 12.17 20.36 26.37
C PHE B 256 11.80 20.56 27.82
N GLU B 257 12.16 19.60 28.65
CA GLU B 257 11.81 19.55 30.10
C GLU B 257 12.38 20.79 30.82
N ASN B 258 13.63 21.15 30.53
CA ASN B 258 14.29 22.25 31.23
C ASN B 258 14.99 23.14 30.20
N GLU B 259 14.20 23.90 29.45
CA GLU B 259 14.77 24.82 28.42
C GLU B 259 15.60 25.90 29.12
N PRO B 260 16.71 26.35 28.54
CA PRO B 260 17.22 25.98 27.22
C PRO B 260 18.13 24.74 27.18
N ASN B 261 18.15 23.96 28.24
CA ASN B 261 19.06 22.84 28.36
C ASN B 261 18.50 21.61 27.64
N VAL B 262 19.31 21.04 26.75
CA VAL B 262 18.97 19.82 26.04
C VAL B 262 19.97 18.77 26.51
N PRO B 263 19.52 17.60 26.97
CA PRO B 263 20.46 16.56 27.37
C PRO B 263 21.43 16.15 26.26
N GLU B 264 22.68 15.91 26.64
CA GLU B 264 23.76 15.57 25.71
C GLU B 264 23.44 14.35 24.85
N ALA B 265 22.78 13.35 25.43
CA ALA B 265 22.43 12.13 24.69
C ALA B 265 21.53 12.41 23.48
N LEU B 266 20.58 13.33 23.62
CA LEU B 266 19.73 13.74 22.50
C LEU B 266 20.48 14.36 21.33
N LEU B 267 21.54 15.13 21.65
CA LEU B 267 22.37 15.78 20.63
C LEU B 267 23.19 14.82 19.77
N SER B 268 23.42 13.60 20.25
CA SER B 268 24.24 12.62 19.56
C SER B 268 23.50 11.80 18.52
N PHE B 269 22.16 11.71 18.57
CA PHE B 269 21.43 10.82 17.65
C PHE B 269 21.31 11.40 16.23
N PRO B 270 21.62 10.58 15.20
CA PRO B 270 21.47 11.02 13.81
C PRO B 270 20.02 11.06 13.27
N ASN B 271 19.05 10.57 14.03
CA ASN B 271 17.65 10.48 13.61
C ASN B 271 16.73 11.45 14.39
N VAL B 272 17.32 12.53 14.91
CA VAL B 272 16.63 13.48 15.74
C VAL B 272 16.87 14.89 15.23
N SER B 273 15.79 15.66 15.09
CA SER B 273 15.85 17.09 14.79
C SER B 273 15.47 17.89 16.06
N LEU B 274 16.24 18.91 16.37
CA LEU B 274 16.09 19.71 17.59
C LEU B 274 15.99 21.19 17.22
N LEU B 275 14.97 21.86 17.77
CA LEU B 275 14.76 23.30 17.55
C LEU B 275 14.64 24.03 18.90
N PRO B 276 15.15 25.28 18.99
CA PRO B 276 15.09 26.04 20.24
C PRO B 276 13.76 26.78 20.45
N HIS B 277 12.67 26.02 20.50
CA HIS B 277 11.33 26.57 20.80
C HIS B 277 10.95 27.69 19.86
N VAL B 278 10.96 27.40 18.57
CA VAL B 278 10.71 28.39 17.53
C VAL B 278 9.32 28.32 16.92
N ALA B 279 8.40 27.53 17.50
CA ALA B 279 7.07 27.33 16.93
C ALA B 279 6.34 28.60 16.46
N SER B 280 6.43 29.70 17.20
CA SER B 280 5.78 30.96 16.84
C SER B 280 6.75 32.06 16.41
N ALA B 281 8.03 31.73 16.24
CA ALA B 281 9.13 32.72 16.18
C ALA B 281 9.43 33.37 14.81
N SER B 282 8.41 33.91 14.18
CA SER B 282 8.56 34.82 13.03
C SER B 282 8.25 36.25 13.48
N VAL B 283 8.79 37.23 12.78
CA VAL B 283 8.46 38.62 13.05
C VAL B 283 6.94 38.85 12.94
N VAL B 284 6.32 38.36 11.89
CA VAL B 284 4.90 38.66 11.68
C VAL B 284 4.03 38.09 12.81
N THR B 285 4.34 36.87 13.25
CA THR B 285 3.52 36.22 14.24
C THR B 285 3.76 36.77 15.66
N ARG B 286 5.03 37.00 16.01
CA ARG B 286 5.33 37.69 17.27
C ARG B 286 4.79 39.13 17.28
N ASN B 287 4.73 39.83 16.16
CA ASN B 287 4.01 41.13 16.09
C ASN B 287 2.51 40.99 16.40
N ALA B 288 1.85 39.96 15.89
CA ALA B 288 0.43 39.73 16.22
C ALA B 288 0.23 39.39 17.73
N MET B 289 1.17 38.62 18.28
CA MET B 289 1.18 38.35 19.71
C MET B 289 1.37 39.61 20.54
N SER B 290 2.32 40.45 20.14
CA SER B 290 2.53 41.75 20.75
C SER B 290 1.28 42.61 20.66
N ASP B 291 0.63 42.65 19.50
CA ASP B 291 -0.60 43.41 19.38
C ASP B 291 -1.67 42.97 20.38
N LEU B 292 -1.78 41.65 20.62
CA LEU B 292 -2.80 41.13 21.53
C LEU B 292 -2.49 41.48 23.02
N VAL B 293 -1.20 41.44 23.39
CA VAL B 293 -0.76 41.93 24.70
C VAL B 293 -1.25 43.37 24.89
N VAL B 294 -0.94 44.24 23.93
CA VAL B 294 -1.28 45.65 24.07
C VAL B 294 -2.77 45.87 23.97
N ASP B 295 -3.44 45.18 23.06
CA ASP B 295 -4.90 45.34 22.93
C ASP B 295 -5.69 44.83 24.14
N ASN B 296 -5.14 43.85 24.86
CA ASN B 296 -5.69 43.40 26.16
C ASN B 296 -5.65 44.52 27.20
N LEU B 297 -4.50 45.19 27.31
CA LEU B 297 -4.35 46.32 28.20
C LEU B 297 -5.28 47.47 27.80
N LYS B 298 -5.34 47.79 26.51
CA LYS B 298 -6.22 48.86 26.05
C LYS B 298 -7.70 48.54 26.33
N ALA B 299 -8.12 47.32 26.08
CA ALA B 299 -9.50 46.91 26.35
C ALA B 299 -9.83 47.02 27.85
N TRP B 300 -8.89 46.60 28.69
CA TRP B 300 -9.08 46.65 30.14
C TRP B 300 -9.32 48.08 30.62
N PHE B 301 -8.43 48.99 30.24
CA PHE B 301 -8.50 50.38 30.71
C PHE B 301 -9.49 51.27 29.96
N SER B 302 -9.94 50.88 28.78
CA SER B 302 -10.94 51.67 28.06
C SER B 302 -12.36 51.11 28.11
N THR B 303 -12.51 49.80 28.34
CA THR B 303 -13.84 49.15 28.40
C THR B 303 -14.15 48.38 29.69
N GLY B 304 -13.14 48.11 30.52
CA GLY B 304 -13.33 47.39 31.78
C GLY B 304 -13.29 45.88 31.66
N GLU B 305 -12.98 45.35 30.47
CA GLU B 305 -12.84 43.92 30.29
C GLU B 305 -11.68 43.63 29.36
N ALA B 306 -11.01 42.52 29.63
CA ALA B 306 -9.90 42.06 28.83
C ALA B 306 -10.42 41.26 27.64
N LEU B 307 -9.58 41.07 26.63
CA LEU B 307 -9.93 40.28 25.45
C LEU B 307 -9.72 38.78 25.69
N THR B 308 -8.54 38.41 26.23
CA THR B 308 -8.19 37.00 26.41
C THR B 308 -7.71 36.73 27.85
N PRO B 309 -8.59 36.95 28.84
CA PRO B 309 -8.22 36.60 30.22
C PRO B 309 -8.07 35.09 30.38
N VAL B 310 -7.16 34.66 31.23
CA VAL B 310 -6.94 33.22 31.46
C VAL B 310 -8.09 32.67 32.30
N ALA B 311 -8.26 31.34 32.29
CA ALA B 311 -9.38 30.69 32.96
C ALA B 311 -9.42 30.97 34.48
N GLU B 312 -8.23 31.07 35.10
CA GLU B 312 -8.15 31.27 36.55
C GLU B 312 -8.52 32.68 37.03
N THR B 313 -8.56 33.67 36.14
CA THR B 313 -8.88 35.05 36.52
C THR B 313 -10.03 35.65 35.69
N PRO B 314 -11.25 35.13 35.86
CA PRO B 314 -12.38 35.62 35.06
C PRO B 314 -12.95 36.91 35.66
N PHE B 315 -12.18 37.99 35.64
CA PHE B 315 -12.55 39.20 36.38
C PHE B 315 -12.82 40.35 35.42
N ARG B 316 -13.75 41.21 35.81
CA ARG B 316 -13.99 42.48 35.14
C ARG B 316 -13.45 43.57 36.06
N ARG B 317 -13.15 44.73 35.49
CA ARG B 317 -12.56 45.83 36.24
C ARG B 317 -13.57 46.49 37.18
N ARG C 3 -6.71 -48.65 32.45
CA ARG C 3 -6.28 -47.70 31.37
C ARG C 3 -6.80 -46.31 31.66
N PRO C 4 -6.03 -45.26 31.32
CA PRO C 4 -6.55 -43.91 31.57
C PRO C 4 -7.88 -43.65 30.87
N ARG C 5 -8.76 -42.92 31.53
CA ARG C 5 -10.08 -42.66 30.99
C ARG C 5 -10.10 -41.25 30.44
N ILE C 6 -10.60 -41.11 29.21
CA ILE C 6 -10.63 -39.85 28.48
C ILE C 6 -12.08 -39.47 28.22
N LEU C 7 -12.46 -38.27 28.65
CA LEU C 7 -13.80 -37.77 28.37
C LEU C 7 -13.83 -37.19 26.97
N VAL C 8 -14.88 -37.50 26.22
CA VAL C 8 -15.19 -36.78 24.99
C VAL C 8 -16.58 -36.16 25.16
N PRO C 9 -16.66 -34.83 25.25
CA PRO C 9 -17.94 -34.17 25.35
C PRO C 9 -18.48 -33.73 24.00
N GLY C 10 -19.69 -34.19 23.65
CA GLY C 10 -20.37 -33.77 22.44
C GLY C 10 -19.75 -34.36 21.19
N LYS C 11 -19.83 -33.61 20.08
CA LYS C 11 -19.40 -34.09 18.78
C LYS C 11 -17.89 -33.95 18.62
N ILE C 12 -17.29 -34.96 18.01
CA ILE C 12 -15.89 -34.90 17.63
C ILE C 12 -15.69 -35.77 16.38
N ASN C 13 -14.67 -35.46 15.59
CA ASN C 13 -14.37 -36.23 14.39
C ASN C 13 -14.28 -37.73 14.73
N PRO C 14 -14.95 -38.58 13.96
CA PRO C 14 -14.99 -40.01 14.33
C PRO C 14 -13.63 -40.70 14.38
N ARG C 15 -12.65 -40.18 13.66
CA ARG C 15 -11.28 -40.69 13.76
C ARG C 15 -10.69 -40.63 15.19
N VAL C 16 -11.01 -39.57 15.95
CA VAL C 16 -10.62 -39.48 17.36
C VAL C 16 -11.23 -40.66 18.12
N LEU C 17 -12.54 -40.85 17.98
CA LEU C 17 -13.23 -41.96 18.63
C LEU C 17 -12.67 -43.31 18.23
N GLU C 18 -12.32 -43.47 16.97
CA GLU C 18 -11.78 -44.72 16.46
C GLU C 18 -10.47 -45.10 17.11
N ARG C 19 -9.59 -44.11 17.33
CA ARG C 19 -8.22 -44.37 17.78
C ARG C 19 -7.99 -44.34 19.29
N LEU C 20 -8.86 -43.66 20.05
CA LEU C 20 -8.73 -43.63 21.51
C LEU C 20 -8.58 -45.01 22.17
N PRO C 21 -9.33 -46.04 21.70
CA PRO C 21 -9.18 -47.38 22.26
C PRO C 21 -7.82 -48.04 22.12
N GLU C 22 -6.91 -47.47 21.33
CA GLU C 22 -5.52 -47.94 21.25
C GLU C 22 -4.85 -47.95 22.65
N MET C 23 -5.21 -46.97 23.49
CA MET C 23 -4.64 -46.82 24.83
C MET C 23 -5.64 -46.52 25.95
N PHE C 24 -6.87 -46.12 25.61
CA PHE C 24 -7.74 -45.45 26.56
C PHE C 24 -9.12 -46.07 26.61
N GLU C 25 -9.81 -45.81 27.73
CA GLU C 25 -11.23 -46.01 27.85
C GLU C 25 -11.87 -44.65 27.60
N THR C 26 -12.85 -44.59 26.71
CA THR C 26 -13.52 -43.34 26.36
C THR C 26 -14.76 -43.19 27.23
N VAL C 27 -14.95 -41.99 27.78
CA VAL C 27 -16.17 -41.67 28.51
C VAL C 27 -16.89 -40.61 27.69
N ARG C 28 -18.10 -40.92 27.26
CA ARG C 28 -18.85 -40.04 26.39
C ARG C 28 -19.92 -39.34 27.19
N ILE C 29 -20.08 -38.05 26.98
CA ILE C 29 -21.31 -37.35 27.40
C ILE C 29 -21.81 -36.56 26.20
N GLU C 30 -23.12 -36.41 26.16
CA GLU C 30 -23.85 -35.90 25.01
C GLU C 30 -23.51 -34.43 24.67
N ARG C 31 -23.19 -33.63 25.68
CA ARG C 31 -22.84 -32.22 25.50
C ARG C 31 -21.73 -31.82 26.47
N ALA C 32 -21.05 -30.73 26.16
CA ALA C 32 -20.04 -30.16 27.08
C ALA C 32 -20.73 -29.40 28.23
N ASP C 33 -21.26 -30.17 29.19
CA ASP C 33 -22.12 -29.66 30.27
C ASP C 33 -21.85 -30.44 31.55
N ALA C 34 -21.40 -29.74 32.59
CA ALA C 34 -21.07 -30.37 33.88
C ALA C 34 -22.22 -31.14 34.51
N ALA C 35 -23.45 -30.72 34.20
CA ALA C 35 -24.65 -31.44 34.67
C ALA C 35 -24.71 -32.91 34.24
N LEU C 36 -24.01 -33.27 33.17
CA LEU C 36 -23.98 -34.66 32.68
C LEU C 36 -22.90 -35.55 33.32
N VAL C 37 -22.10 -35.00 34.24
CA VAL C 37 -21.01 -35.76 34.88
C VAL C 37 -21.54 -36.56 36.06
N THR C 38 -21.34 -37.86 36.06
CA THR C 38 -21.73 -38.74 37.17
C THR C 38 -20.52 -39.01 38.06
N ALA C 39 -20.80 -39.55 39.24
CA ALA C 39 -19.78 -39.80 40.28
C ALA C 39 -18.67 -40.72 39.79
N ASP C 40 -19.01 -41.77 39.07
CA ASP C 40 -18.01 -42.73 38.57
C ASP C 40 -17.09 -42.15 37.48
N MET C 41 -17.45 -41.00 36.90
CA MET C 41 -16.56 -40.32 35.94
C MET C 41 -15.41 -39.53 36.59
N ARG C 42 -15.43 -39.40 37.91
CA ARG C 42 -14.45 -38.58 38.60
C ARG C 42 -12.99 -39.07 38.57
N ASP C 43 -12.76 -40.29 38.07
CA ASP C 43 -11.39 -40.78 37.81
C ASP C 43 -10.83 -40.41 36.42
N VAL C 44 -11.60 -39.65 35.62
CA VAL C 44 -11.15 -39.18 34.30
C VAL C 44 -9.85 -38.39 34.44
N SER C 45 -8.86 -38.71 33.61
CA SER C 45 -7.57 -38.01 33.63
C SER C 45 -7.24 -37.20 32.39
N GLY C 46 -8.06 -37.30 31.34
CA GLY C 46 -7.84 -36.54 30.11
C GLY C 46 -9.15 -36.15 29.45
N ILE C 47 -9.12 -35.07 28.69
CA ILE C 47 -10.24 -34.68 27.82
C ILE C 47 -9.77 -34.52 26.37
N ALA C 48 -10.58 -35.02 25.43
CA ALA C 48 -10.44 -34.71 24.01
C ALA C 48 -11.67 -33.92 23.62
N VAL C 49 -11.48 -32.72 23.10
CA VAL C 49 -12.61 -31.80 22.87
C VAL C 49 -12.43 -30.95 21.63
N SER C 50 -13.57 -30.74 20.97
CA SER C 50 -13.72 -29.79 19.87
C SER C 50 -14.67 -28.72 20.31
N GLY C 51 -14.20 -27.47 20.30
CA GLY C 51 -15.04 -26.32 20.65
C GLY C 51 -14.87 -25.92 22.11
N LYS C 52 -15.99 -25.47 22.70
CA LYS C 52 -16.03 -24.94 24.07
C LYS C 52 -15.85 -26.04 25.14
N LEU C 53 -15.00 -25.76 26.11
CA LEU C 53 -14.87 -26.57 27.30
C LEU C 53 -15.15 -25.65 28.48
N PRO C 54 -16.42 -25.63 28.94
CA PRO C 54 -16.73 -24.75 30.07
C PRO C 54 -15.91 -25.09 31.31
N VAL C 55 -15.55 -24.05 32.07
CA VAL C 55 -14.77 -24.23 33.28
C VAL C 55 -15.41 -25.20 34.31
N PRO C 56 -16.73 -25.11 34.54
CA PRO C 56 -17.38 -26.07 35.46
C PRO C 56 -17.22 -27.52 35.02
N LEU C 57 -17.24 -27.79 33.72
CA LEU C 57 -16.96 -29.14 33.22
C LEU C 57 -15.51 -29.55 33.46
N MET C 58 -14.57 -28.67 33.16
CA MET C 58 -13.14 -28.94 33.39
C MET C 58 -12.85 -29.19 34.87
N ASP C 59 -13.48 -28.39 35.73
CA ASP C 59 -13.30 -28.48 37.18
C ASP C 59 -14.12 -29.57 37.87
N ALA C 60 -14.95 -30.31 37.12
CA ALA C 60 -15.61 -31.50 37.66
C ALA C 60 -14.68 -32.72 37.81
N PHE C 61 -13.46 -32.62 37.30
CA PHE C 61 -12.55 -33.74 37.21
C PHE C 61 -11.28 -33.47 38.05
N PRO C 62 -11.27 -33.96 39.31
CA PRO C 62 -10.12 -33.65 40.17
C PRO C 62 -8.80 -34.28 39.74
N SER C 63 -8.83 -35.35 38.93
CA SER C 63 -7.60 -36.02 38.47
C SER C 63 -7.20 -35.66 37.04
N LEU C 64 -7.82 -34.61 36.49
CA LEU C 64 -7.57 -34.18 35.13
C LEU C 64 -6.13 -33.71 34.97
N GLU C 65 -5.44 -34.23 33.96
CA GLU C 65 -4.05 -33.89 33.66
C GLU C 65 -3.84 -33.17 32.33
N ILE C 66 -4.69 -33.46 31.35
CA ILE C 66 -4.46 -33.02 29.96
C ILE C 66 -5.79 -32.77 29.24
N VAL C 67 -5.86 -31.65 28.52
CA VAL C 67 -6.95 -31.35 27.62
C VAL C 67 -6.35 -31.25 26.20
N ALA C 68 -6.72 -32.22 25.36
CA ALA C 68 -6.30 -32.26 23.96
C ALA C 68 -7.38 -31.61 23.12
N ASN C 69 -7.11 -30.37 22.72
CA ASN C 69 -8.02 -29.54 21.92
C ASN C 69 -7.88 -29.89 20.42
N PHE C 70 -9.02 -30.12 19.77
CA PHE C 70 -9.12 -30.30 18.31
C PHE C 70 -9.15 -28.93 17.65
N GLY C 71 -8.08 -28.57 16.95
CA GLY C 71 -7.96 -27.27 16.27
C GLY C 71 -6.70 -26.56 16.68
N VAL C 72 -6.21 -25.68 15.82
CA VAL C 72 -5.07 -24.83 16.19
C VAL C 72 -5.51 -23.78 17.21
N GLY C 73 -6.73 -23.26 17.04
CA GLY C 73 -7.36 -22.36 18.02
C GLY C 73 -7.90 -23.12 19.23
N TYR C 74 -7.66 -22.59 20.43
CA TYR C 74 -8.10 -23.23 21.69
C TYR C 74 -8.74 -22.19 22.62
N ASP C 75 -9.46 -21.24 22.04
CA ASP C 75 -10.22 -20.19 22.75
C ASP C 75 -11.28 -20.77 23.69
N GLY C 76 -11.86 -21.91 23.28
CA GLY C 76 -12.84 -22.59 24.09
C GLY C 76 -12.34 -23.26 25.36
N VAL C 77 -11.02 -23.29 25.58
CA VAL C 77 -10.43 -23.82 26.79
C VAL C 77 -9.92 -22.65 27.62
N ASP C 78 -10.29 -22.61 28.90
CA ASP C 78 -9.74 -21.62 29.84
C ASP C 78 -8.32 -22.03 30.23
N VAL C 79 -7.37 -21.58 29.43
CA VAL C 79 -5.98 -22.00 29.56
CA VAL C 79 -5.98 -22.02 29.58
C VAL C 79 -5.32 -21.46 30.85
N SER C 80 -5.70 -20.26 31.31
CA SER C 80 -5.17 -19.73 32.58
C SER C 80 -5.59 -20.61 33.78
N ARG C 81 -6.86 -21.06 33.78
CA ARG C 81 -7.34 -21.97 34.81
C ARG C 81 -6.64 -23.34 34.73
N ALA C 82 -6.47 -23.86 33.52
CA ALA C 82 -5.71 -25.10 33.29
C ALA C 82 -4.28 -24.96 33.82
N ALA C 83 -3.62 -23.86 33.49
CA ALA C 83 -2.25 -23.59 33.93
C ALA C 83 -2.14 -23.56 35.46
N ALA C 84 -3.09 -22.87 36.10
CA ALA C 84 -3.16 -22.81 37.55
C ALA C 84 -3.28 -24.19 38.20
N ARG C 85 -3.98 -25.12 37.54
CA ARG C 85 -4.13 -26.50 38.04
C ARG C 85 -2.97 -27.44 37.63
N GLY C 86 -1.98 -26.95 36.91
CA GLY C 86 -0.91 -27.79 36.31
C GLY C 86 -1.38 -28.71 35.20
N ILE C 87 -2.46 -28.33 34.51
CA ILE C 87 -3.05 -29.14 33.45
C ILE C 87 -2.45 -28.68 32.13
N VAL C 88 -1.92 -29.63 31.36
CA VAL C 88 -1.41 -29.34 30.02
C VAL C 88 -2.54 -29.29 29.01
N VAL C 89 -2.51 -28.26 28.17
CA VAL C 89 -3.46 -28.13 27.04
C VAL C 89 -2.67 -28.28 25.76
N THR C 90 -3.17 -29.11 24.85
CA THR C 90 -2.55 -29.29 23.53
C THR C 90 -3.51 -28.83 22.46
N ASN C 91 -2.95 -28.42 21.33
CA ASN C 91 -3.73 -28.01 20.15
C ASN C 91 -3.23 -28.81 18.94
N THR C 92 -3.69 -28.47 17.74
CA THR C 92 -3.28 -29.17 16.50
C THR C 92 -2.68 -28.18 15.50
N PRO C 93 -1.49 -27.62 15.79
CA PRO C 93 -0.87 -26.73 14.80
C PRO C 93 -0.20 -27.54 13.69
N ASP C 94 0.23 -26.84 12.65
CA ASP C 94 1.08 -27.39 11.56
C ASP C 94 0.43 -28.33 10.57
N VAL C 95 -0.37 -29.30 11.07
CA VAL C 95 -1.01 -30.27 10.19
C VAL C 95 -2.11 -29.68 9.31
N LEU C 96 -2.61 -28.47 9.64
CA LEU C 96 -3.68 -27.82 8.86
C LEU C 96 -3.21 -26.59 8.11
N THR C 97 -1.93 -26.21 8.24
CA THR C 97 -1.45 -24.94 7.70
C THR C 97 -1.66 -24.81 6.19
N GLU C 98 -1.26 -25.83 5.45
CA GLU C 98 -1.35 -25.84 4.00
C GLU C 98 -2.80 -25.88 3.52
N GLU C 99 -3.65 -26.63 4.21
CA GLU C 99 -5.06 -26.72 3.85
C GLU C 99 -5.74 -25.36 4.01
N VAL C 100 -5.39 -24.64 5.07
CA VAL C 100 -5.96 -23.32 5.37
C VAL C 100 -5.50 -22.31 4.35
N ALA C 101 -4.22 -22.37 3.99
CA ALA C 101 -3.67 -21.53 2.93
C ALA C 101 -4.35 -21.79 1.59
N ASP C 102 -4.60 -23.05 1.26
CA ASP C 102 -5.37 -23.43 0.06
C ASP C 102 -6.74 -22.78 0.06
N THR C 103 -7.45 -22.86 1.17
CA THR C 103 -8.77 -22.29 1.26
C THR C 103 -8.73 -20.78 1.10
N ALA C 104 -7.73 -20.13 1.70
CA ALA C 104 -7.62 -18.68 1.59
C ALA C 104 -7.45 -18.25 0.13
N ILE C 105 -6.60 -18.95 -0.61
CA ILE C 105 -6.39 -18.63 -2.03
C ILE C 105 -7.68 -18.92 -2.85
N GLY C 106 -8.32 -20.03 -2.58
CA GLY C 106 -9.61 -20.36 -3.22
C GLY C 106 -10.66 -19.27 -2.99
N LEU C 107 -10.77 -18.83 -1.75
CA LEU C 107 -11.72 -17.79 -1.38
C LEU C 107 -11.37 -16.48 -2.05
N LEU C 108 -10.08 -16.14 -2.12
CA LEU C 108 -9.63 -14.94 -2.80
C LEU C 108 -9.99 -14.96 -4.28
N LEU C 109 -9.69 -16.06 -4.96
CA LEU C 109 -10.01 -16.19 -6.39
C LEU C 109 -11.50 -16.14 -6.65
N ASN C 110 -12.28 -16.79 -5.80
CA ASN C 110 -13.73 -16.79 -5.91
C ASN C 110 -14.32 -15.39 -5.71
N THR C 111 -13.73 -14.62 -4.81
CA THR C 111 -14.18 -13.27 -4.53
C THR C 111 -13.86 -12.33 -5.69
N LEU C 112 -12.66 -12.46 -6.24
CA LEU C 112 -12.23 -11.57 -7.32
C LEU C 112 -12.84 -11.86 -8.69
N ARG C 113 -12.91 -13.15 -9.04
CA ARG C 113 -13.37 -13.56 -10.36
C ARG C 113 -14.83 -14.04 -10.36
N LEU C 114 -15.50 -14.02 -9.20
CA LEU C 114 -16.91 -14.36 -9.10
C LEU C 114 -17.25 -15.77 -9.58
N LEU C 115 -16.36 -16.72 -9.33
CA LEU C 115 -16.52 -18.07 -9.84
C LEU C 115 -17.75 -18.78 -9.31
N PRO C 116 -18.07 -18.66 -8.01
CA PRO C 116 -19.31 -19.30 -7.52
C PRO C 116 -20.58 -18.74 -8.18
N GLN C 117 -20.62 -17.43 -8.43
CA GLN C 117 -21.72 -16.77 -9.09
C GLN C 117 -21.79 -17.19 -10.58
N ALA C 118 -20.63 -17.32 -11.23
CA ALA C 118 -20.55 -17.79 -12.60
C ALA C 118 -21.11 -19.21 -12.71
N GLU C 119 -20.75 -20.08 -11.77
CA GLU C 119 -21.24 -21.43 -11.72
C GLU C 119 -22.75 -21.45 -11.49
N GLN C 120 -23.25 -20.58 -10.62
CA GLN C 120 -24.71 -20.53 -10.40
C GLN C 120 -25.43 -20.06 -11.66
N TRP C 121 -24.84 -19.10 -12.36
CA TRP C 121 -25.38 -18.60 -13.63
C TRP C 121 -25.59 -19.73 -14.64
N LEU C 122 -24.56 -20.57 -14.77
CA LEU C 122 -24.63 -21.78 -15.60
C LEU C 122 -25.67 -22.76 -15.11
N ARG C 123 -25.66 -23.08 -13.83
CA ARG C 123 -26.55 -24.12 -13.27
C ARG C 123 -28.02 -23.72 -13.29
N GLN C 124 -28.30 -22.42 -13.24
CA GLN C 124 -29.67 -21.87 -13.36
C GLN C 124 -30.18 -21.78 -14.78
N GLY C 125 -29.35 -22.16 -15.76
CA GLY C 125 -29.72 -22.19 -17.18
C GLY C 125 -29.54 -20.86 -17.88
N ARG C 126 -28.87 -19.91 -17.24
CA ARG C 126 -28.74 -18.56 -17.79
C ARG C 126 -27.69 -18.43 -18.89
N TRP C 127 -26.70 -19.32 -18.91
CA TRP C 127 -25.73 -19.30 -20.01
C TRP C 127 -26.41 -19.61 -21.31
N VAL C 128 -27.31 -20.59 -21.26
CA VAL C 128 -28.13 -20.98 -22.41
C VAL C 128 -29.08 -19.84 -22.79
N ARG C 129 -29.88 -19.38 -21.82
CA ARG C 129 -31.02 -18.50 -22.11
C ARG C 129 -30.68 -17.03 -22.30
N GLU C 130 -29.64 -16.54 -21.62
CA GLU C 130 -29.27 -15.12 -21.63
C GLU C 130 -27.89 -14.81 -22.22
N GLY C 131 -26.94 -15.77 -22.17
CA GLY C 131 -25.63 -15.57 -22.77
C GLY C 131 -24.51 -15.52 -21.72
N ALA C 132 -23.44 -14.81 -22.03
CA ALA C 132 -22.22 -14.90 -21.25
C ALA C 132 -22.47 -14.28 -19.86
N PHE C 133 -21.89 -14.88 -18.83
CA PHE C 133 -21.83 -14.28 -17.51
C PHE C 133 -21.05 -12.93 -17.65
N PRO C 134 -21.48 -11.86 -16.96
CA PRO C 134 -20.71 -10.62 -17.03
C PRO C 134 -19.23 -10.77 -16.73
N LEU C 135 -18.42 -9.96 -17.40
CA LEU C 135 -17.00 -9.90 -17.10
C LEU C 135 -16.77 -9.40 -15.67
N SER C 136 -15.86 -10.03 -14.95
CA SER C 136 -15.64 -9.69 -13.55
C SER C 136 -14.96 -8.33 -13.50
N PRO C 137 -15.51 -7.37 -12.72
CA PRO C 137 -14.82 -6.07 -12.63
C PRO C 137 -13.45 -6.15 -11.96
N LEU C 138 -13.22 -7.19 -11.16
CA LEU C 138 -11.96 -7.35 -10.44
C LEU C 138 -11.22 -8.55 -10.98
N SER C 139 -9.95 -8.61 -10.59
CA SER C 139 -9.03 -9.66 -10.99
C SER C 139 -7.88 -9.73 -10.02
N LEU C 140 -7.18 -10.84 -9.94
CA LEU C 140 -5.95 -10.90 -9.17
C LEU C 140 -4.80 -10.22 -9.89
N ARG C 141 -4.90 -10.06 -11.21
CA ARG C 141 -3.84 -9.42 -12.02
C ARG C 141 -3.62 -7.98 -11.55
N GLY C 142 -2.36 -7.62 -11.34
CA GLY C 142 -2.02 -6.29 -10.88
C GLY C 142 -2.31 -5.93 -9.42
N ARG C 143 -2.79 -6.88 -8.61
CA ARG C 143 -3.14 -6.59 -7.21
C ARG C 143 -1.93 -6.58 -6.29
N THR C 144 -2.12 -5.87 -5.17
CA THR C 144 -1.14 -5.81 -4.09
CA THR C 144 -1.13 -5.80 -4.09
C THR C 144 -1.80 -6.36 -2.84
N VAL C 145 -1.15 -7.36 -2.23
CA VAL C 145 -1.76 -8.05 -1.09
C VAL C 145 -1.05 -7.67 0.22
N GLY C 146 -1.85 -7.32 1.23
CA GLY C 146 -1.38 -7.06 2.56
C GLY C 146 -1.89 -8.15 3.48
N LEU C 147 -0.97 -8.82 4.16
CA LEU C 147 -1.33 -9.82 5.18
C LEU C 147 -1.37 -9.18 6.59
N PHE C 148 -2.55 -9.25 7.23
CA PHE C 148 -2.70 -8.84 8.63
C PHE C 148 -2.46 -10.09 9.44
N GLY C 149 -1.26 -10.16 10.01
CA GLY C 149 -0.78 -11.33 10.69
C GLY C 149 0.13 -12.09 9.75
N LEU C 150 1.07 -12.84 10.33
CA LEU C 150 1.92 -13.70 9.54
C LEU C 150 1.86 -15.13 10.06
N GLY C 151 2.87 -15.56 10.81
CA GLY C 151 2.90 -16.96 11.29
C GLY C 151 3.07 -17.94 10.15
N ARG C 152 2.97 -19.22 10.46
CA ARG C 152 3.13 -20.26 9.45
C ARG C 152 2.04 -20.19 8.36
N ILE C 153 0.79 -19.89 8.74
CA ILE C 153 -0.28 -19.76 7.76
C ILE C 153 -0.01 -18.58 6.82
N GLY C 154 0.41 -17.44 7.38
CA GLY C 154 0.80 -16.29 6.56
C GLY C 154 1.92 -16.52 5.60
N LEU C 155 2.97 -17.20 6.06
CA LEU C 155 4.08 -17.61 5.17
C LEU C 155 3.61 -18.55 4.05
N ALA C 156 2.71 -19.47 4.35
CA ALA C 156 2.20 -20.42 3.34
C ALA C 156 1.33 -19.70 2.29
N ILE C 157 0.50 -18.77 2.74
CA ILE C 157 -0.28 -17.90 1.84
C ILE C 157 0.64 -17.03 1.00
N ALA C 158 1.67 -16.45 1.62
CA ALA C 158 2.60 -15.59 0.89
C ALA C 158 3.31 -16.37 -0.19
N ARG C 159 3.69 -17.60 0.14
CA ARG C 159 4.37 -18.48 -0.82
C ARG C 159 3.50 -18.75 -2.07
N ARG C 160 2.22 -19.01 -1.85
CA ARG C 160 1.29 -19.21 -2.95
C ARG C 160 1.16 -17.91 -3.77
N LEU C 161 0.93 -16.78 -3.11
CA LEU C 161 0.70 -15.51 -3.78
C LEU C 161 1.91 -15.05 -4.65
N GLU C 162 3.13 -15.34 -4.22
CA GLU C 162 4.34 -15.03 -5.00
C GLU C 162 4.29 -15.67 -6.39
N ALA C 163 3.78 -16.92 -6.43
CA ALA C 163 3.64 -17.63 -7.71
C ALA C 163 2.56 -17.08 -8.63
N PHE C 164 1.61 -16.31 -8.10
CA PHE C 164 0.61 -15.58 -8.88
C PHE C 164 1.12 -14.21 -9.33
N GLY C 165 2.38 -13.87 -9.02
CA GLY C 165 2.96 -12.63 -9.44
C GLY C 165 2.40 -11.38 -8.77
N VAL C 166 1.93 -11.50 -7.54
CA VAL C 166 1.45 -10.33 -6.78
C VAL C 166 2.50 -10.02 -5.71
N SER C 167 2.68 -8.74 -5.43
CA SER C 167 3.53 -8.29 -4.33
C SER C 167 2.83 -8.56 -3.00
N ILE C 168 3.65 -8.80 -1.99
CA ILE C 168 3.18 -9.11 -0.65
C ILE C 168 3.75 -8.12 0.35
N ALA C 169 2.86 -7.64 1.20
CA ALA C 169 3.21 -6.83 2.33
C ALA C 169 2.56 -7.48 3.56
N TYR C 170 3.04 -7.11 4.74
CA TYR C 170 2.44 -7.62 5.97
C TYR C 170 2.51 -6.61 7.09
N HIS C 171 1.54 -6.77 8.00
CA HIS C 171 1.49 -6.01 9.23
C HIS C 171 1.43 -6.95 10.43
N THR C 172 2.39 -6.74 11.33
CA THR C 172 2.42 -7.37 12.64
C THR C 172 2.94 -6.31 13.58
N ARG C 173 2.84 -6.55 14.90
CA ARG C 173 3.32 -5.58 15.89
C ARG C 173 4.84 -5.38 15.80
N THR C 174 5.61 -6.46 15.58
CA THR C 174 7.05 -6.37 15.29
C THR C 174 7.43 -6.97 13.94
N PRO C 175 8.35 -6.31 13.21
CA PRO C 175 8.80 -6.87 11.94
C PRO C 175 9.55 -8.19 12.09
N ARG C 176 9.59 -8.98 11.01
CA ARG C 176 10.39 -10.19 10.95
C ARG C 176 11.69 -9.93 10.23
N GLU C 177 12.80 -10.29 10.87
CA GLU C 177 14.12 -10.22 10.24
C GLU C 177 14.19 -11.33 9.19
N GLY C 178 14.76 -11.02 8.03
CA GLY C 178 15.05 -12.01 7.00
C GLY C 178 14.11 -12.06 5.81
N LEU C 179 12.82 -11.81 6.04
CA LEU C 179 11.83 -11.91 4.97
C LEU C 179 11.93 -10.78 3.98
N GLY C 180 11.81 -11.10 2.69
CA GLY C 180 11.80 -10.07 1.64
C GLY C 180 10.40 -9.56 1.33
N PHE C 181 9.55 -9.37 2.35
CA PHE C 181 8.27 -8.72 2.18
C PHE C 181 8.35 -7.34 2.81
N THR C 182 7.54 -6.42 2.32
CA THR C 182 7.47 -5.08 2.88
C THR C 182 6.67 -5.12 4.19
N TYR C 183 7.29 -4.57 5.25
CA TYR C 183 6.65 -4.49 6.55
C TYR C 183 5.92 -3.16 6.70
N HIS C 184 4.69 -3.22 7.17
CA HIS C 184 3.93 -2.04 7.55
C HIS C 184 3.75 -1.94 9.06
N PRO C 185 4.23 -0.84 9.67
CA PRO C 185 4.05 -0.66 11.11
C PRO C 185 2.62 -0.51 11.58
N THR C 186 1.70 -0.07 10.71
CA THR C 186 0.29 0.08 11.08
C THR C 186 -0.64 -0.59 10.09
N LEU C 187 -1.80 -1.01 10.57
CA LEU C 187 -2.80 -1.65 9.74
C LEU C 187 -3.41 -0.67 8.74
N VAL C 188 -3.74 0.53 9.18
CA VAL C 188 -4.26 1.57 8.28
C VAL C 188 -3.28 1.95 7.16
N GLY C 189 -2.00 2.04 7.51
CA GLY C 189 -0.93 2.35 6.54
C GLY C 189 -0.83 1.27 5.48
N MET C 190 -0.86 0.00 5.90
CA MET C 190 -0.86 -1.11 4.95
C MET C 190 -2.08 -1.05 4.07
N ALA C 191 -3.25 -0.82 4.64
CA ALA C 191 -4.49 -0.81 3.90
C ALA C 191 -4.48 0.32 2.87
N GLU C 192 -3.91 1.46 3.22
CA GLU C 192 -3.64 2.54 2.24
C GLU C 192 -2.83 2.07 1.03
N ALA C 193 -1.71 1.38 1.30
CA ALA C 193 -0.78 0.97 0.28
C ALA C 193 -1.26 -0.20 -0.59
N VAL C 194 -2.15 -1.03 -0.08
CA VAL C 194 -2.59 -2.22 -0.81
C VAL C 194 -4.04 -2.11 -1.25
N ASP C 195 -4.45 -3.03 -2.09
CA ASP C 195 -5.87 -3.13 -2.50
C ASP C 195 -6.52 -4.43 -2.08
N THR C 196 -5.76 -5.32 -1.45
CA THR C 196 -6.28 -6.63 -1.02
C THR C 196 -5.73 -6.90 0.39
N LEU C 197 -6.64 -7.02 1.36
CA LEU C 197 -6.27 -7.27 2.76
C LEU C 197 -6.71 -8.66 3.19
N ILE C 198 -5.76 -9.53 3.54
CA ILE C 198 -6.06 -10.88 4.03
C ILE C 198 -5.78 -10.97 5.55
N VAL C 199 -6.82 -11.27 6.31
CA VAL C 199 -6.77 -11.32 7.75
C VAL C 199 -6.53 -12.77 8.18
N ILE C 200 -5.36 -12.99 8.79
CA ILE C 200 -4.98 -14.29 9.31
C ILE C 200 -4.52 -14.27 10.78
N VAL C 201 -4.47 -13.11 11.40
CA VAL C 201 -3.83 -12.88 12.69
C VAL C 201 -4.54 -13.73 13.71
N PRO C 202 -3.78 -14.40 14.62
CA PRO C 202 -4.44 -15.01 15.79
C PRO C 202 -5.38 -14.01 16.54
N GLY C 203 -6.65 -14.40 16.58
CA GLY C 203 -7.68 -13.65 17.31
C GLY C 203 -7.47 -13.52 18.82
N THR C 204 -7.21 -12.30 19.27
CA THR C 204 -7.06 -12.00 20.70
C THR C 204 -7.89 -10.76 21.04
N ALA C 205 -7.97 -10.46 22.34
CA ALA C 205 -8.60 -9.23 22.82
C ALA C 205 -8.02 -7.97 22.18
N SER C 206 -6.72 -7.98 21.96
CA SER C 206 -6.01 -6.95 21.18
C SER C 206 -6.36 -6.75 19.74
N THR C 207 -6.74 -7.82 19.02
CA THR C 207 -7.10 -7.69 17.59
C THR C 207 -8.59 -7.63 17.37
N LEU C 208 -9.37 -7.55 18.46
CA LEU C 208 -10.80 -7.51 18.36
C LEU C 208 -11.31 -6.22 17.68
N LYS C 209 -12.09 -6.39 16.62
CA LYS C 209 -12.51 -5.30 15.72
C LYS C 209 -11.39 -4.38 15.19
N ALA C 210 -10.20 -4.91 15.04
CA ALA C 210 -9.07 -4.11 14.48
C ALA C 210 -9.32 -3.68 13.01
N VAL C 211 -10.03 -4.51 12.24
CA VAL C 211 -10.44 -4.14 10.90
C VAL C 211 -11.74 -3.32 11.01
N ASN C 212 -11.59 -2.01 11.13
CA ASN C 212 -12.65 -1.10 11.48
C ASN C 212 -12.92 -0.16 10.28
N ALA C 213 -13.81 0.82 10.48
CA ALA C 213 -14.18 1.76 9.43
C ALA C 213 -12.97 2.45 8.79
N ASP C 214 -12.03 2.90 9.63
CA ASP C 214 -10.81 3.54 9.16
C ASP C 214 -9.99 2.63 8.26
N VAL C 215 -9.84 1.35 8.65
CA VAL C 215 -9.05 0.41 7.85
C VAL C 215 -9.69 0.16 6.49
N LEU C 216 -11.02 -0.05 6.50
CA LEU C 216 -11.74 -0.33 5.29
C LEU C 216 -11.75 0.88 4.34
N SER C 217 -11.90 2.07 4.92
CA SER C 217 -11.81 3.29 4.12
C SER C 217 -10.42 3.47 3.45
N ALA C 218 -9.37 3.15 4.20
CA ALA C 218 -8.00 3.21 3.64
C ALA C 218 -7.77 2.18 2.52
N LEU C 219 -8.38 1.02 2.67
CA LEU C 219 -8.29 -0.08 1.69
C LEU C 219 -8.70 0.43 0.32
N GLY C 220 -9.84 1.15 0.29
CA GLY C 220 -10.19 2.01 -0.87
C GLY C 220 -11.15 1.32 -1.87
N PRO C 221 -11.56 2.07 -2.91
CA PRO C 221 -12.69 1.66 -3.77
C PRO C 221 -12.46 0.43 -4.65
N LYS C 222 -11.21 0.00 -4.85
CA LYS C 222 -10.90 -1.30 -5.45
C LYS C 222 -10.53 -2.36 -4.40
N GLY C 223 -10.75 -2.04 -3.15
CA GLY C 223 -10.31 -2.85 -2.02
C GLY C 223 -11.12 -4.13 -1.86
N VAL C 224 -10.42 -5.21 -1.54
CA VAL C 224 -11.04 -6.49 -1.24
C VAL C 224 -10.55 -7.01 0.10
N LEU C 225 -11.50 -7.44 0.95
CA LEU C 225 -11.19 -8.00 2.26
C LEU C 225 -11.44 -9.51 2.26
N ILE C 226 -10.44 -10.28 2.65
CA ILE C 226 -10.56 -11.71 2.86
C ILE C 226 -10.32 -11.99 4.34
N ASN C 227 -11.27 -12.66 5.01
CA ASN C 227 -11.07 -13.06 6.41
C ASN C 227 -11.12 -14.59 6.52
N VAL C 228 -9.97 -15.16 6.86
CA VAL C 228 -9.82 -16.55 7.21
C VAL C 228 -9.21 -16.71 8.61
N GLY C 229 -9.27 -15.65 9.44
CA GLY C 229 -8.84 -15.72 10.85
C GLY C 229 -9.98 -15.99 11.84
N ARG C 230 -10.27 -14.98 12.66
CA ARG C 230 -11.40 -14.99 13.56
C ARG C 230 -12.40 -13.94 13.09
N GLY C 231 -13.68 -14.30 13.15
CA GLY C 231 -14.75 -13.38 12.74
C GLY C 231 -14.74 -12.06 13.50
N SER C 232 -14.40 -12.12 14.79
CA SER C 232 -14.36 -10.95 15.66
C SER C 232 -13.24 -9.94 15.41
N THR C 233 -12.26 -10.28 14.59
CA THR C 233 -11.21 -9.33 14.18
C THR C 233 -11.75 -8.27 13.22
N VAL C 234 -12.86 -8.57 12.55
CA VAL C 234 -13.49 -7.62 11.64
C VAL C 234 -14.72 -7.00 12.32
N ASP C 235 -14.84 -5.69 12.22
CA ASP C 235 -16.06 -4.98 12.65
C ASP C 235 -17.15 -5.21 11.59
N GLU C 236 -17.98 -6.21 11.85
CA GLU C 236 -18.96 -6.70 10.89
C GLU C 236 -19.94 -5.63 10.43
N ALA C 237 -20.45 -4.84 11.35
CA ALA C 237 -21.34 -3.73 11.01
C ALA C 237 -20.62 -2.71 10.13
N ALA C 238 -19.36 -2.41 10.42
CA ALA C 238 -18.60 -1.47 9.60
C ALA C 238 -18.33 -2.06 8.19
N LEU C 239 -18.11 -3.36 8.12
CA LEU C 239 -17.94 -4.02 6.83
C LEU C 239 -19.21 -3.92 5.97
N VAL C 240 -20.37 -4.21 6.57
CA VAL C 240 -21.62 -4.14 5.86
C VAL C 240 -21.83 -2.73 5.29
N THR C 241 -21.59 -1.71 6.12
CA THR C 241 -21.73 -0.32 5.71
C THR C 241 -20.79 0.02 4.52
N ALA C 242 -19.54 -0.44 4.60
CA ALA C 242 -18.55 -0.20 3.53
C ALA C 242 -18.94 -0.86 2.19
N LEU C 243 -19.44 -2.10 2.25
CA LEU C 243 -19.95 -2.78 1.07
C LEU C 243 -21.19 -2.11 0.50
N GLN C 244 -22.14 -1.77 1.36
CA GLN C 244 -23.35 -1.05 0.95
C GLN C 244 -23.07 0.23 0.21
N ASN C 245 -22.08 0.99 0.66
CA ASN C 245 -21.76 2.31 0.11
C ASN C 245 -20.66 2.32 -0.95
N GLY C 246 -20.12 1.16 -1.30
CA GLY C 246 -19.06 1.08 -2.29
C GLY C 246 -17.73 1.61 -1.82
N THR C 247 -17.54 1.73 -0.51
CA THR C 247 -16.27 2.12 0.06
C THR C 247 -15.17 1.11 -0.30
N ILE C 248 -15.52 -0.18 -0.25
CA ILE C 248 -14.68 -1.23 -0.83
C ILE C 248 -15.45 -2.01 -1.91
N ALA C 249 -14.68 -2.75 -2.71
CA ALA C 249 -15.18 -3.39 -3.93
C ALA C 249 -15.70 -4.80 -3.71
N GLY C 250 -15.20 -5.51 -2.69
CA GLY C 250 -15.66 -6.85 -2.42
C GLY C 250 -15.11 -7.46 -1.16
N ALA C 251 -15.69 -8.60 -0.78
CA ALA C 251 -15.19 -9.37 0.35
C ALA C 251 -15.42 -10.86 0.26
N GLY C 252 -14.51 -11.61 0.88
CA GLY C 252 -14.65 -13.06 0.99
C GLY C 252 -14.43 -13.42 2.47
N LEU C 253 -15.41 -14.12 3.07
CA LEU C 253 -15.40 -14.38 4.50
C LEU C 253 -15.64 -15.83 4.79
N ASP C 254 -14.72 -16.45 5.54
CA ASP C 254 -14.89 -17.83 6.01
C ASP C 254 -15.31 -17.86 7.50
N VAL C 255 -15.34 -16.69 8.16
CA VAL C 255 -15.58 -16.60 9.61
C VAL C 255 -16.41 -15.35 9.88
N PHE C 256 -17.16 -15.36 10.96
CA PHE C 256 -18.13 -14.33 11.28
C PHE C 256 -18.18 -14.06 12.78
N GLU C 257 -18.73 -12.90 13.12
CA GLU C 257 -18.84 -12.43 14.51
C GLU C 257 -19.67 -13.41 15.38
N ASN C 258 -20.77 -13.94 14.85
CA ASN C 258 -21.65 -14.78 15.63
C ASN C 258 -22.02 -16.07 14.89
N GLU C 259 -21.05 -16.94 14.61
CA GLU C 259 -21.31 -18.14 13.79
C GLU C 259 -22.28 -19.06 14.54
N PRO C 260 -23.18 -19.76 13.85
CA PRO C 260 -23.32 -19.83 12.40
C PRO C 260 -24.24 -18.74 11.78
N ASN C 261 -24.53 -17.68 12.51
CA ASN C 261 -25.42 -16.64 12.03
C ASN C 261 -24.64 -15.64 11.16
N VAL C 262 -25.15 -15.43 9.94
CA VAL C 262 -24.61 -14.44 9.03
C VAL C 262 -25.70 -13.40 8.86
N PRO C 263 -25.38 -12.11 9.08
CA PRO C 263 -26.43 -11.08 8.90
C PRO C 263 -27.03 -11.08 7.50
N GLU C 264 -28.32 -10.84 7.41
CA GLU C 264 -29.06 -10.75 6.13
C GLU C 264 -28.43 -9.79 5.13
N ALA C 265 -27.95 -8.65 5.60
CA ALA C 265 -27.30 -7.66 4.73
C ALA C 265 -26.08 -8.22 3.96
N LEU C 266 -25.27 -9.05 4.61
CA LEU C 266 -24.14 -9.70 3.94
C LEU C 266 -24.55 -10.66 2.83
N LEU C 267 -25.66 -11.35 3.02
CA LEU C 267 -26.18 -12.31 2.04
C LEU C 267 -26.70 -11.66 0.75
N SER C 268 -27.02 -10.35 0.80
CA SER C 268 -27.60 -9.65 -0.32
C SER C 268 -26.59 -9.11 -1.31
N PHE C 269 -25.31 -8.95 -0.93
CA PHE C 269 -24.33 -8.34 -1.84
C PHE C 269 -23.88 -9.30 -2.95
N PRO C 270 -23.89 -8.83 -4.22
CA PRO C 270 -23.41 -9.66 -5.33
C PRO C 270 -21.87 -9.74 -5.48
N ASN C 271 -21.11 -8.98 -4.68
CA ASN C 271 -19.66 -8.94 -4.77
C ASN C 271 -18.97 -9.57 -3.53
N VAL C 272 -19.69 -10.50 -2.89
CA VAL C 272 -19.23 -11.13 -1.64
C VAL C 272 -19.32 -12.64 -1.76
N SER C 273 -18.26 -13.32 -1.36
CA SER C 273 -18.25 -14.78 -1.24
C SER C 273 -18.25 -15.15 0.26
N LEU C 274 -19.13 -16.09 0.62
CA LEU C 274 -19.34 -16.50 2.01
C LEU C 274 -19.15 -18.02 2.15
N LEU C 275 -18.35 -18.43 3.12
CA LEU C 275 -18.11 -19.84 3.41
C LEU C 275 -18.40 -20.15 4.88
N PRO C 276 -18.93 -21.35 5.19
CA PRO C 276 -19.27 -21.70 6.58
C PRO C 276 -18.08 -22.29 7.34
N HIS C 277 -17.03 -21.49 7.49
CA HIS C 277 -15.85 -21.86 8.29
C HIS C 277 -15.24 -23.18 7.85
N VAL C 278 -14.88 -23.26 6.58
CA VAL C 278 -14.37 -24.49 5.99
C VAL C 278 -12.86 -24.52 5.79
N ALA C 279 -12.12 -23.55 6.32
CA ALA C 279 -10.68 -23.45 6.09
C ALA C 279 -9.87 -24.76 6.21
N SER C 280 -10.17 -25.62 7.20
CA SER C 280 -9.48 -26.89 7.37
C SER C 280 -10.34 -28.12 7.05
N ALA C 281 -11.53 -27.91 6.48
CA ALA C 281 -12.62 -28.93 6.43
C ALA C 281 -12.60 -29.92 5.27
N SER C 282 -11.44 -30.57 5.07
CA SER C 282 -11.32 -31.73 4.19
C SER C 282 -11.19 -32.98 5.08
N VAL C 283 -11.57 -34.13 4.55
CA VAL C 283 -11.38 -35.39 5.25
C VAL C 283 -9.90 -35.59 5.58
N VAL C 284 -9.00 -35.36 4.62
CA VAL C 284 -7.59 -35.68 4.88
C VAL C 284 -7.02 -34.81 6.00
N THR C 285 -7.38 -33.53 6.02
CA THR C 285 -6.81 -32.62 7.00
C THR C 285 -7.43 -32.78 8.38
N ARG C 286 -8.75 -32.95 8.45
CA ARG C 286 -9.39 -33.28 9.72
C ARG C 286 -8.95 -34.64 10.26
N ASN C 287 -8.63 -35.62 9.41
CA ASN C 287 -8.02 -36.89 9.88
C ASN C 287 -6.63 -36.65 10.53
N ALA C 288 -5.81 -35.79 9.92
CA ALA C 288 -4.51 -35.45 10.52
C ALA C 288 -4.65 -34.70 11.85
N MET C 289 -5.63 -33.82 11.92
CA MET C 289 -5.96 -33.13 13.16
C MET C 289 -6.43 -34.11 14.25
N SER C 290 -7.31 -35.05 13.87
CA SER C 290 -7.73 -36.11 14.76
C SER C 290 -6.56 -36.94 15.25
N ASP C 291 -5.69 -37.33 14.34
CA ASP C 291 -4.52 -38.11 14.75
C ASP C 291 -3.66 -37.38 15.78
N LEU C 292 -3.51 -36.07 15.63
CA LEU C 292 -2.65 -35.27 16.53
C LEU C 292 -3.26 -35.13 17.92
N VAL C 293 -4.59 -34.96 17.99
CA VAL C 293 -5.31 -34.99 19.26
C VAL C 293 -4.99 -36.29 19.99
N VAL C 294 -5.18 -37.42 19.32
CA VAL C 294 -5.00 -38.71 19.96
C VAL C 294 -3.54 -38.97 20.25
N ASP C 295 -2.66 -38.63 19.34
CA ASP C 295 -1.22 -38.87 19.57
C ASP C 295 -0.64 -37.99 20.68
N ASN C 296 -1.23 -36.82 20.92
CA ASN C 296 -0.90 -35.98 22.10
C ASN C 296 -1.23 -36.71 23.42
N LEU C 297 -2.43 -37.29 23.48
CA LEU C 297 -2.85 -38.05 24.63
C LEU C 297 -1.96 -39.26 24.83
N LYS C 298 -1.70 -40.00 23.75
CA LYS C 298 -0.86 -41.19 23.84
C LYS C 298 0.54 -40.82 24.29
N ALA C 299 1.12 -39.77 23.74
CA ALA C 299 2.47 -39.33 24.13
C ALA C 299 2.50 -38.94 25.60
N TRP C 300 1.48 -38.25 26.09
CA TRP C 300 1.42 -37.84 27.50
C TRP C 300 1.49 -39.04 28.43
N PHE C 301 0.59 -40.00 28.21
CA PHE C 301 0.50 -41.14 29.09
C PHE C 301 1.54 -42.25 28.86
N SER C 302 2.15 -42.31 27.68
CA SER C 302 3.10 -43.40 27.41
C SER C 302 4.56 -42.91 27.35
N THR C 303 4.79 -41.61 27.17
CA THR C 303 6.16 -41.03 27.16
C THR C 303 6.42 -39.92 28.20
N GLY C 304 5.35 -39.37 28.80
CA GLY C 304 5.47 -38.36 29.83
C GLY C 304 5.62 -36.94 29.31
N GLU C 305 5.41 -36.73 28.00
CA GLU C 305 5.34 -35.36 27.48
C GLU C 305 4.40 -35.34 26.32
N ALA C 306 3.82 -34.16 26.07
CA ALA C 306 2.87 -33.95 24.97
C ALA C 306 3.65 -33.61 23.71
N LEU C 307 3.01 -33.73 22.55
CA LEU C 307 3.60 -33.36 21.27
C LEU C 307 3.50 -31.86 21.00
N THR C 308 2.29 -31.31 21.15
CA THR C 308 2.03 -29.91 20.80
C THR C 308 1.32 -29.16 21.96
N PRO C 309 2.00 -29.07 23.12
CA PRO C 309 1.43 -28.28 24.21
C PRO C 309 1.37 -26.80 23.85
N VAL C 310 0.36 -26.09 24.33
CA VAL C 310 0.21 -24.65 24.03
C VAL C 310 1.25 -23.86 24.85
N ALA C 311 1.50 -22.62 24.45
CA ALA C 311 2.51 -21.78 25.10
C ALA C 311 2.24 -21.56 26.60
N GLU C 312 0.98 -21.45 26.98
CA GLU C 312 0.59 -21.17 28.38
C GLU C 312 0.76 -22.34 29.32
N THR C 313 0.89 -23.59 28.82
CA THR C 313 1.04 -24.77 29.71
C THR C 313 2.26 -25.60 29.31
N PRO C 314 3.47 -25.06 29.51
CA PRO C 314 4.69 -25.78 29.10
C PRO C 314 5.06 -26.82 30.15
N PHE C 315 4.22 -27.85 30.31
CA PHE C 315 4.39 -28.80 31.41
C PHE C 315 4.74 -30.16 30.79
N ARG C 316 5.58 -30.89 31.49
CA ARG C 316 5.82 -32.32 31.26
C ARG C 316 5.15 -33.05 32.39
N ARG C 317 4.83 -34.32 32.19
CA ARG C 317 4.11 -35.07 33.21
C ARG C 317 5.02 -35.38 34.39
N ARG C 318 4.52 -35.13 35.61
CA ARG C 318 5.28 -35.36 36.82
C ARG C 318 5.42 -36.86 37.17
N ALA C 319 6.52 -37.16 37.86
CA ALA C 319 6.71 -38.49 38.49
C ALA C 319 6.77 -39.62 37.48
N ILE C 320 7.37 -39.35 36.33
CA ILE C 320 7.59 -40.35 35.29
C ILE C 320 9.09 -40.48 35.07
N GLN C 321 9.59 -41.70 35.10
CA GLN C 321 10.91 -42.04 34.59
C GLN C 321 10.81 -42.16 33.04
N ASN C 322 11.17 -41.07 32.35
CA ASN C 322 10.98 -40.90 30.91
C ASN C 322 12.35 -41.03 30.16
N ARG D 3 17.83 -17.00 -20.35
CA ARG D 3 17.09 -15.82 -19.79
C ARG D 3 17.66 -14.52 -20.34
N PRO D 4 16.79 -13.52 -20.58
CA PRO D 4 17.30 -12.28 -21.18
C PRO D 4 18.38 -11.63 -20.33
N ARG D 5 19.37 -11.04 -21.00
CA ARG D 5 20.48 -10.42 -20.32
C ARG D 5 20.29 -8.92 -20.29
N ILE D 6 20.46 -8.33 -19.10
CA ILE D 6 20.23 -6.91 -18.87
C ILE D 6 21.54 -6.26 -18.44
N LEU D 7 21.98 -5.25 -19.17
CA LEU D 7 23.17 -4.49 -18.80
C LEU D 7 22.79 -3.46 -17.74
N VAL D 8 23.62 -3.33 -16.72
CA VAL D 8 23.56 -2.21 -15.79
C VAL D 8 24.90 -1.48 -15.85
N PRO D 9 24.92 -0.25 -16.41
CA PRO D 9 26.17 0.51 -16.46
C PRO D 9 26.30 1.46 -15.28
N GLY D 10 27.40 1.32 -14.53
CA GLY D 10 27.70 2.21 -13.41
C GLY D 10 26.82 1.96 -12.21
N LYS D 11 26.55 3.01 -11.46
CA LYS D 11 25.83 2.89 -10.17
C LYS D 11 24.33 2.86 -10.42
N ILE D 12 23.64 2.02 -9.65
CA ILE D 12 22.18 2.02 -9.63
C ILE D 12 21.71 1.55 -8.25
N ASN D 13 20.50 1.97 -7.87
CA ASN D 13 19.93 1.57 -6.57
C ASN D 13 20.02 0.04 -6.40
N PRO D 14 20.52 -0.43 -5.26
CA PRO D 14 20.76 -1.88 -5.09
C PRO D 14 19.50 -2.74 -5.19
N ARG D 15 18.33 -2.16 -4.94
CA ARG D 15 17.07 -2.85 -5.15
C ARG D 15 16.85 -3.34 -6.60
N VAL D 16 17.31 -2.56 -7.59
CA VAL D 16 17.29 -3.00 -8.99
C VAL D 16 18.12 -4.29 -9.13
N LEU D 17 19.35 -4.24 -8.63
CA LEU D 17 20.25 -5.41 -8.68
C LEU D 17 19.69 -6.62 -7.93
N GLU D 18 19.02 -6.36 -6.82
CA GLU D 18 18.42 -7.43 -6.02
C GLU D 18 17.33 -8.17 -6.77
N ARG D 19 16.51 -7.45 -7.53
CA ARG D 19 15.32 -8.02 -8.17
C ARG D 19 15.50 -8.53 -9.60
N LEU D 20 16.51 -8.04 -10.33
CA LEU D 20 16.77 -8.51 -11.69
C LEU D 20 16.85 -10.03 -11.83
N PRO D 21 17.50 -10.74 -10.87
CA PRO D 21 17.55 -12.21 -10.94
C PRO D 21 16.22 -12.95 -10.90
N GLU D 22 15.11 -12.27 -10.60
CA GLU D 22 13.77 -12.86 -10.72
C GLU D 22 13.52 -13.42 -12.13
N MET D 23 14.04 -12.73 -13.14
CA MET D 23 13.85 -13.11 -14.55
C MET D 23 15.10 -13.04 -15.43
N PHE D 24 16.17 -12.37 -14.97
CA PHE D 24 17.22 -11.93 -15.87
C PHE D 24 18.61 -12.32 -15.39
N GLU D 25 19.55 -12.34 -16.33
CA GLU D 25 20.97 -12.40 -16.06
C GLU D 25 21.49 -10.97 -16.16
N THR D 26 22.20 -10.51 -15.15
CA THR D 26 22.67 -9.12 -15.09
C THR D 26 24.08 -9.05 -15.64
N VAL D 27 24.35 -8.08 -16.49
CA VAL D 27 25.70 -7.80 -16.97
C VAL D 27 26.10 -6.44 -16.43
N ARG D 28 27.15 -6.41 -15.63
CA ARG D 28 27.62 -5.17 -15.03
C ARG D 28 28.82 -4.64 -15.80
N ILE D 29 28.84 -3.33 -16.05
CA ILE D 29 30.07 -2.64 -16.40
C ILE D 29 30.23 -1.45 -15.47
N GLU D 30 31.48 -1.12 -15.17
CA GLU D 30 31.85 -0.12 -14.17
C GLU D 30 31.36 1.30 -14.48
N ARG D 31 31.29 1.65 -15.76
CA ARG D 31 30.84 2.99 -16.19
C ARG D 31 30.02 2.89 -17.47
N ALA D 32 29.22 3.92 -17.74
CA ALA D 32 28.45 4.00 -18.99
C ALA D 32 29.38 4.44 -20.14
N ASP D 33 30.18 3.48 -20.62
CA ASP D 33 31.25 3.72 -21.59
C ASP D 33 31.33 2.53 -22.56
N ALA D 34 31.16 2.79 -23.86
CA ALA D 34 31.20 1.74 -24.89
C ALA D 34 32.51 0.96 -24.92
N ALA D 35 33.60 1.60 -24.49
CA ALA D 35 34.90 0.93 -24.40
C ALA D 35 34.91 -0.30 -23.48
N LEU D 36 33.97 -0.36 -22.52
CA LEU D 36 33.88 -1.49 -21.59
C LEU D 36 33.03 -2.66 -22.09
N VAL D 37 32.46 -2.57 -23.30
CA VAL D 37 31.61 -3.64 -23.83
C VAL D 37 32.47 -4.69 -24.52
N THR D 38 32.34 -5.94 -24.10
CA THR D 38 33.08 -7.06 -24.70
C THR D 38 32.16 -7.80 -25.69
N ALA D 39 32.76 -8.65 -26.51
CA ALA D 39 32.06 -9.41 -27.54
C ALA D 39 30.93 -10.27 -26.99
N ASP D 40 31.16 -10.92 -25.86
CA ASP D 40 30.11 -11.80 -25.26
C ASP D 40 28.93 -11.03 -24.70
N MET D 41 29.03 -9.71 -24.52
CA MET D 41 27.89 -8.89 -24.10
C MET D 41 26.92 -8.55 -25.22
N ARG D 42 27.26 -8.87 -26.47
CA ARG D 42 26.44 -8.45 -27.62
C ARG D 42 25.09 -9.15 -27.73
N ASP D 43 24.81 -10.17 -26.91
CA ASP D 43 23.46 -10.74 -26.80
C ASP D 43 22.55 -10.03 -25.78
N VAL D 44 23.02 -8.96 -25.15
CA VAL D 44 22.22 -8.13 -24.24
C VAL D 44 20.98 -7.61 -24.97
N SER D 45 19.82 -7.78 -24.35
CA SER D 45 18.56 -7.31 -24.92
C SER D 45 17.87 -6.18 -24.15
N GLY D 46 18.38 -5.83 -22.98
CA GLY D 46 17.81 -4.74 -22.18
C GLY D 46 18.88 -3.98 -21.42
N ILE D 47 18.59 -2.73 -21.12
CA ILE D 47 19.42 -1.92 -20.23
C ILE D 47 18.57 -1.37 -19.07
N ALA D 48 19.13 -1.40 -17.86
CA ALA D 48 18.62 -0.67 -16.72
C ALA D 48 19.67 0.37 -16.36
N VAL D 49 19.29 1.64 -16.36
CA VAL D 49 20.26 2.73 -16.20
C VAL D 49 19.73 3.91 -15.41
N SER D 50 20.63 4.51 -14.62
CA SER D 50 20.42 5.78 -13.95
C SER D 50 21.40 6.77 -14.52
N GLY D 51 20.89 7.87 -15.08
CA GLY D 51 21.76 8.95 -15.62
C GLY D 51 21.99 8.82 -17.11
N LYS D 52 23.19 9.19 -17.54
CA LYS D 52 23.58 9.25 -18.96
C LYS D 52 23.74 7.87 -19.59
N LEU D 53 23.14 7.69 -20.76
CA LEU D 53 23.36 6.51 -21.59
C LEU D 53 23.87 7.02 -22.94
N PRO D 54 25.20 7.09 -23.10
CA PRO D 54 25.72 7.59 -24.38
C PRO D 54 25.28 6.72 -25.57
N VAL D 55 25.05 7.36 -26.70
CA VAL D 55 24.62 6.69 -27.92
C VAL D 55 25.56 5.55 -28.37
N PRO D 56 26.90 5.77 -28.32
CA PRO D 56 27.81 4.67 -28.68
C PRO D 56 27.65 3.43 -27.79
N LEU D 57 27.36 3.63 -26.50
CA LEU D 57 27.05 2.50 -25.61
C LEU D 57 25.75 1.81 -26.02
N MET D 58 24.71 2.60 -26.27
CA MET D 58 23.41 2.04 -26.67
C MET D 58 23.52 1.25 -27.99
N ASP D 59 24.29 1.82 -28.93
CA ASP D 59 24.48 1.21 -30.25
C ASP D 59 25.53 0.09 -30.30
N ALA D 60 26.19 -0.21 -29.18
CA ALA D 60 27.04 -1.40 -29.07
C ALA D 60 26.27 -2.71 -28.90
N PHE D 61 24.94 -2.62 -28.74
CA PHE D 61 24.09 -3.78 -28.49
C PHE D 61 23.11 -3.99 -29.64
N PRO D 62 23.46 -4.85 -30.60
CA PRO D 62 22.58 -5.02 -31.77
C PRO D 62 21.24 -5.66 -31.47
N SER D 63 21.10 -6.39 -30.37
CA SER D 63 19.83 -7.04 -29.99
C SER D 63 19.03 -6.27 -28.93
N LEU D 64 19.43 -5.03 -28.65
CA LEU D 64 18.80 -4.21 -27.62
C LEU D 64 17.35 -3.91 -27.99
N GLU D 65 16.44 -4.16 -27.05
CA GLU D 65 15.01 -3.92 -27.24
C GLU D 65 14.41 -2.83 -26.35
N ILE D 66 14.99 -2.67 -25.16
CA ILE D 66 14.37 -1.85 -24.10
C ILE D 66 15.45 -1.20 -23.22
N VAL D 67 15.26 0.09 -22.95
CA VAL D 67 16.06 0.82 -21.97
C VAL D 67 15.10 1.28 -20.87
N ALA D 68 15.27 0.70 -19.67
CA ALA D 68 14.51 1.06 -18.48
C ALA D 68 15.30 2.10 -17.69
N ASN D 69 14.88 3.34 -17.83
CA ASN D 69 15.50 4.50 -17.17
C ASN D 69 14.98 4.66 -15.72
N PHE D 70 15.92 4.80 -14.80
CA PHE D 70 15.65 5.11 -13.37
C PHE D 70 15.47 6.62 -13.23
N GLY D 71 14.25 7.06 -12.97
CA GLY D 71 13.92 8.48 -12.82
C GLY D 71 12.77 8.85 -13.73
N VAL D 72 12.05 9.89 -13.37
CA VAL D 72 10.99 10.43 -14.25
C VAL D 72 11.64 11.14 -15.44
N GLY D 73 12.76 11.83 -15.20
CA GLY D 73 13.57 12.44 -16.26
C GLY D 73 14.43 11.38 -16.96
N TYR D 74 14.48 11.44 -18.30
CA TYR D 74 15.25 10.51 -19.13
C TYR D 74 16.06 11.29 -20.20
N ASP D 75 16.57 12.46 -19.82
CA ASP D 75 17.39 13.34 -20.68
C ASP D 75 18.68 12.65 -21.13
N GLY D 76 19.22 11.82 -20.24
CA GLY D 76 20.42 11.03 -20.52
C GLY D 76 20.28 9.92 -21.55
N VAL D 77 19.07 9.64 -22.02
CA VAL D 77 18.83 8.65 -23.07
C VAL D 77 18.49 9.41 -24.35
N ASP D 78 19.19 9.06 -25.44
CA ASP D 78 18.88 9.60 -26.76
C ASP D 78 17.63 8.89 -27.30
N VAL D 79 16.49 9.47 -26.97
CA VAL D 79 15.20 8.85 -27.29
C VAL D 79 14.89 8.84 -28.79
N SER D 80 15.35 9.85 -29.54
CA SER D 80 15.16 9.85 -31.01
C SER D 80 15.93 8.68 -31.66
N ARG D 81 17.14 8.40 -31.20
CA ARG D 81 17.92 7.27 -31.68
C ARG D 81 17.26 5.93 -31.29
N ALA D 82 16.79 5.84 -30.04
CA ALA D 82 16.05 4.67 -29.59
C ALA D 82 14.80 4.44 -30.48
N ALA D 83 14.04 5.50 -30.73
CA ALA D 83 12.86 5.46 -31.56
C ALA D 83 13.15 4.95 -32.98
N ALA D 84 14.21 5.48 -33.56
CA ALA D 84 14.65 5.07 -34.89
C ALA D 84 14.98 3.58 -34.95
N ARG D 85 15.49 3.01 -33.86
CA ARG D 85 15.80 1.57 -33.82
C ARG D 85 14.62 0.69 -33.37
N GLY D 86 13.44 1.28 -33.11
CA GLY D 86 12.33 0.54 -32.51
C GLY D 86 12.53 0.10 -31.07
N ILE D 87 13.39 0.81 -30.33
CA ILE D 87 13.72 0.47 -28.95
C ILE D 87 12.78 1.25 -28.04
N VAL D 88 12.12 0.54 -27.14
CA VAL D 88 11.26 1.18 -26.14
C VAL D 88 12.09 1.70 -24.96
N VAL D 89 11.81 2.93 -24.56
CA VAL D 89 12.41 3.54 -23.37
C VAL D 89 11.32 3.73 -22.34
N THR D 90 11.59 3.31 -21.11
CA THR D 90 10.66 3.49 -19.98
C THR D 90 11.29 4.40 -18.95
N ASN D 91 10.43 5.09 -18.21
CA ASN D 91 10.88 5.95 -17.09
C ASN D 91 10.10 5.52 -15.83
N THR D 92 10.24 6.29 -14.75
CA THR D 92 9.55 5.99 -13.49
C THR D 92 8.68 7.18 -13.07
N PRO D 93 7.58 7.46 -13.80
CA PRO D 93 6.71 8.54 -13.39
C PRO D 93 5.80 8.13 -12.23
N ASP D 94 5.13 9.12 -11.65
CA ASP D 94 4.04 8.92 -10.67
C ASP D 94 4.44 8.43 -9.26
N VAL D 95 5.32 7.42 -9.18
CA VAL D 95 5.70 6.86 -7.89
C VAL D 95 6.55 7.81 -7.03
N LEU D 96 7.10 8.89 -7.60
CA LEU D 96 7.89 9.86 -6.82
C LEU D 96 7.23 11.22 -6.65
N THR D 97 6.03 11.40 -7.20
CA THR D 97 5.39 12.72 -7.24
C THR D 97 5.18 13.34 -5.88
N GLU D 98 4.61 12.56 -4.98
CA GLU D 98 4.30 13.01 -3.62
C GLU D 98 5.55 13.26 -2.80
N GLU D 99 6.55 12.43 -2.97
CA GLU D 99 7.82 12.60 -2.24
C GLU D 99 8.50 13.91 -2.66
N VAL D 100 8.44 14.23 -3.95
CA VAL D 100 9.05 15.45 -4.49
C VAL D 100 8.32 16.68 -3.98
N ALA D 101 6.98 16.59 -3.97
CA ALA D 101 6.17 17.66 -3.41
C ALA D 101 6.45 17.89 -1.90
N ASP D 102 6.64 16.80 -1.15
CA ASP D 102 7.04 16.88 0.26
C ASP D 102 8.36 17.64 0.43
N THR D 103 9.35 17.30 -0.40
CA THR D 103 10.64 17.94 -0.33
C THR D 103 10.52 19.44 -0.63
N ALA D 104 9.73 19.79 -1.64
CA ALA D 104 9.57 21.17 -2.02
C ALA D 104 8.98 22.00 -0.86
N ILE D 105 7.98 21.46 -0.19
CA ILE D 105 7.37 22.14 0.96
C ILE D 105 8.37 22.25 2.13
N GLY D 106 9.10 21.19 2.39
CA GLY D 106 10.15 21.22 3.43
C GLY D 106 11.19 22.29 3.16
N LEU D 107 11.65 22.36 1.91
CA LEU D 107 12.61 23.36 1.50
C LEU D 107 12.04 24.78 1.64
N LEU D 108 10.77 24.96 1.27
CA LEU D 108 10.12 26.26 1.38
C LEU D 108 10.05 26.70 2.87
N LEU D 109 9.59 25.81 3.75
CA LEU D 109 9.49 26.11 5.18
C LEU D 109 10.86 26.41 5.80
N ASN D 110 11.87 25.64 5.41
CA ASN D 110 13.24 25.86 5.89
C ASN D 110 13.81 27.20 5.43
N THR D 111 13.47 27.60 4.21
CA THR D 111 13.92 28.86 3.65
C THR D 111 13.27 30.04 4.36
N LEU D 112 11.96 29.93 4.59
CA LEU D 112 11.21 31.04 5.22
C LEU D 112 11.46 31.19 6.73
N ARG D 113 11.45 30.07 7.45
CA ARG D 113 11.52 30.08 8.91
C ARG D 113 12.91 29.80 9.46
N LEU D 114 13.89 29.55 8.59
CA LEU D 114 15.30 29.38 8.99
C LEU D 114 15.50 28.23 9.97
N LEU D 115 14.75 27.15 9.79
CA LEU D 115 14.78 26.05 10.72
C LEU D 115 16.14 25.35 10.81
N PRO D 116 16.83 25.15 9.68
CA PRO D 116 18.19 24.55 9.80
C PRO D 116 19.18 25.43 10.59
N GLN D 117 19.08 26.75 10.42
CA GLN D 117 19.89 27.70 11.16
C GLN D 117 19.51 27.72 12.66
N ALA D 118 18.22 27.62 12.95
CA ALA D 118 17.72 27.51 14.32
C ALA D 118 18.29 26.28 15.01
N GLU D 119 18.26 25.16 14.31
CA GLU D 119 18.82 23.92 14.82
C GLU D 119 20.32 24.04 15.05
N GLN D 120 21.03 24.69 14.14
CA GLN D 120 22.48 24.90 14.35
C GLN D 120 22.75 25.78 15.57
N TRP D 121 21.93 26.79 15.76
CA TRP D 121 22.01 27.69 16.92
C TRP D 121 21.95 26.89 18.23
N LEU D 122 20.96 25.98 18.32
CA LEU D 122 20.82 25.10 19.44
C LEU D 122 22.02 24.15 19.59
N ARG D 123 22.41 23.50 18.50
CA ARG D 123 23.48 22.48 18.58
C ARG D 123 24.86 23.05 18.88
N GLN D 124 25.07 24.32 18.54
CA GLN D 124 26.32 25.04 18.86
C GLN D 124 26.37 25.58 20.29
N GLY D 125 25.30 25.37 21.07
CA GLY D 125 25.26 25.79 22.46
C GLY D 125 24.78 27.23 22.66
N ARG D 126 24.27 27.86 21.60
CA ARG D 126 23.91 29.27 21.67
C ARG D 126 22.58 29.55 22.38
N TRP D 127 21.68 28.56 22.41
CA TRP D 127 20.45 28.74 23.14
C TRP D 127 20.73 28.90 24.62
N VAL D 128 21.64 28.09 25.12
CA VAL D 128 22.09 28.15 26.50
C VAL D 128 22.83 29.47 26.76
N ARG D 129 23.84 29.79 25.95
CA ARG D 129 24.76 30.87 26.26
C ARG D 129 24.26 32.28 25.91
N GLU D 130 23.45 32.41 24.86
CA GLU D 130 22.98 33.71 24.35
C GLU D 130 21.48 33.92 24.42
N GLY D 131 20.66 32.86 24.40
CA GLY D 131 19.21 32.99 24.50
C GLY D 131 18.50 32.59 23.21
N ALA D 132 17.36 33.20 22.96
CA ALA D 132 16.47 32.76 21.90
C ALA D 132 17.12 33.00 20.56
N PHE D 133 16.92 32.09 19.62
CA PHE D 133 17.28 32.30 18.21
C PHE D 133 16.53 33.56 17.72
N PRO D 134 17.20 34.41 16.93
CA PRO D 134 16.48 35.57 16.38
C PRO D 134 15.22 35.20 15.63
N LEU D 135 14.27 36.11 15.65
CA LEU D 135 13.00 35.92 14.92
C LEU D 135 13.29 35.83 13.42
N SER D 136 12.63 34.91 12.73
CA SER D 136 12.78 34.80 11.28
C SER D 136 12.12 36.02 10.65
N PRO D 137 12.85 36.76 9.78
CA PRO D 137 12.17 37.91 9.15
C PRO D 137 11.01 37.53 8.23
N LEU D 138 11.04 36.30 7.71
CA LEU D 138 10.01 35.83 6.80
C LEU D 138 9.14 34.76 7.42
N SER D 139 8.03 34.51 6.73
CA SER D 139 7.06 33.52 7.15
C SER D 139 6.21 33.13 5.92
N LEU D 140 5.58 31.97 6.00
CA LEU D 140 4.65 31.55 4.97
C LEU D 140 3.34 32.28 5.07
N ARG D 141 3.00 32.83 6.26
CA ARG D 141 1.73 33.55 6.47
C ARG D 141 1.57 34.70 5.49
N GLY D 142 0.42 34.76 4.82
CA GLY D 142 0.12 35.81 3.88
C GLY D 142 0.87 35.81 2.54
N ARG D 143 1.63 34.75 2.25
CA ARG D 143 2.39 34.67 0.99
C ARG D 143 1.53 34.25 -0.19
N THR D 144 2.00 34.60 -1.38
CA THR D 144 1.38 34.28 -2.65
C THR D 144 2.38 33.48 -3.47
N VAL D 145 1.97 32.29 -3.93
CA VAL D 145 2.88 31.41 -4.62
C VAL D 145 2.59 31.34 -6.13
N GLY D 146 3.65 31.47 -6.92
CA GLY D 146 3.62 31.31 -8.36
C GLY D 146 4.39 30.08 -8.73
N LEU D 147 3.75 29.13 -9.40
CA LEU D 147 4.42 27.94 -9.92
C LEU D 147 4.87 28.14 -11.38
N PHE D 148 6.17 28.01 -11.61
CA PHE D 148 6.74 28.00 -12.96
C PHE D 148 6.79 26.54 -13.36
N GLY D 149 5.83 26.16 -14.20
CA GLY D 149 5.57 24.77 -14.54
C GLY D 149 4.44 24.23 -13.68
N LEU D 150 3.70 23.25 -14.17
CA LEU D 150 2.67 22.59 -13.39
C LEU D 150 2.91 21.07 -13.41
N GLY D 151 2.17 20.32 -14.21
CA GLY D 151 2.24 18.86 -14.18
C GLY D 151 1.74 18.26 -12.88
N ARG D 152 1.95 16.96 -12.74
CA ARG D 152 1.51 16.28 -11.52
C ARG D 152 2.26 16.77 -10.28
N ILE D 153 3.54 17.06 -10.38
CA ILE D 153 4.30 17.62 -9.25
C ILE D 153 3.75 18.98 -8.85
N GLY D 154 3.49 19.85 -9.82
CA GLY D 154 2.89 21.16 -9.55
C GLY D 154 1.52 21.08 -8.88
N LEU D 155 0.66 20.17 -9.36
CA LEU D 155 -0.63 19.96 -8.72
C LEU D 155 -0.49 19.45 -7.28
N ALA D 156 0.47 18.57 -7.02
CA ALA D 156 0.68 18.03 -5.68
C ALA D 156 1.20 19.11 -4.71
N ILE D 157 2.11 19.94 -5.19
CA ILE D 157 2.61 21.10 -4.43
C ILE D 157 1.48 22.09 -4.17
N ALA D 158 0.67 22.36 -5.19
CA ALA D 158 -0.43 23.31 -5.03
C ALA D 158 -1.44 22.82 -4.01
N ARG D 159 -1.70 21.52 -4.03
CA ARG D 159 -2.62 20.89 -3.07
C ARG D 159 -2.13 21.09 -1.61
N ARG D 160 -0.84 20.89 -1.38
CA ARG D 160 -0.26 21.12 -0.06
C ARG D 160 -0.39 22.60 0.32
N LEU D 161 0.03 23.49 -0.58
CA LEU D 161 0.04 24.94 -0.29
C LEU D 161 -1.35 25.51 0.02
N GLU D 162 -2.40 25.00 -0.63
CA GLU D 162 -3.79 25.43 -0.35
C GLU D 162 -4.13 25.20 1.12
N ALA D 163 -3.67 24.10 1.68
CA ALA D 163 -3.92 23.77 3.09
C ALA D 163 -3.18 24.66 4.08
N PHE D 164 -2.11 25.33 3.64
CA PHE D 164 -1.41 26.36 4.42
C PHE D 164 -2.04 27.75 4.23
N GLY D 165 -3.14 27.83 3.51
CA GLY D 165 -3.84 29.09 3.32
C GLY D 165 -3.17 30.05 2.36
N VAL D 166 -2.35 29.58 1.41
CA VAL D 166 -1.72 30.47 0.45
C VAL D 166 -2.39 30.32 -0.91
N SER D 167 -2.54 31.43 -1.62
CA SER D 167 -3.06 31.40 -3.00
C SER D 167 -2.00 30.87 -3.94
N ILE D 168 -2.46 30.24 -5.01
CA ILE D 168 -1.61 29.67 -6.05
C ILE D 168 -1.90 30.25 -7.40
N ALA D 169 -0.84 30.61 -8.10
CA ALA D 169 -0.88 31.00 -9.49
C ALA D 169 0.15 30.15 -10.23
N TYR D 170 0.05 30.09 -11.56
CA TYR D 170 0.99 29.31 -12.35
C TYR D 170 1.23 29.91 -13.72
N HIS D 171 2.43 29.62 -14.22
CA HIS D 171 2.82 29.97 -15.56
C HIS D 171 3.28 28.73 -16.34
N THR D 172 2.64 28.52 -17.48
CA THR D 172 3.01 27.52 -18.46
C THR D 172 2.77 28.16 -19.82
N ARG D 173 3.24 27.51 -20.89
CA ARG D 173 3.04 28.03 -22.24
C ARG D 173 1.55 28.08 -22.61
N THR D 174 0.80 27.03 -22.27
CA THR D 174 -0.66 27.02 -22.43
C THR D 174 -1.40 26.81 -21.10
N PRO D 175 -2.51 27.54 -20.90
CA PRO D 175 -3.29 27.34 -19.68
C PRO D 175 -3.93 25.95 -19.59
N ARG D 176 -4.27 25.54 -18.37
CA ARG D 176 -5.03 24.32 -18.13
C ARG D 176 -6.50 24.66 -17.93
N GLU D 177 -7.38 24.03 -18.70
CA GLU D 177 -8.83 24.14 -18.49
C GLU D 177 -9.19 23.40 -17.21
N GLY D 178 -10.06 24.00 -16.40
CA GLY D 178 -10.63 23.33 -15.23
C GLY D 178 -10.06 23.70 -13.88
N LEU D 179 -8.76 23.98 -13.81
CA LEU D 179 -8.09 24.26 -12.54
C LEU D 179 -8.45 25.65 -12.01
N GLY D 180 -8.71 25.76 -10.71
CA GLY D 180 -9.09 27.04 -10.10
C GLY D 180 -7.90 27.87 -9.61
N PHE D 181 -6.80 27.88 -10.38
CA PHE D 181 -5.64 28.68 -10.09
C PHE D 181 -5.58 29.80 -11.13
N THR D 182 -4.95 30.90 -10.78
CA THR D 182 -4.75 31.99 -11.71
C THR D 182 -3.63 31.67 -12.70
N TYR D 183 -3.92 31.76 -13.99
CA TYR D 183 -2.95 31.53 -15.04
C TYR D 183 -2.28 32.83 -15.43
N HIS D 184 -0.95 32.81 -15.50
CA HIS D 184 -0.18 33.92 -16.02
C HIS D 184 0.45 33.56 -17.37
N PRO D 185 0.14 34.34 -18.42
CA PRO D 185 0.74 34.09 -19.74
C PRO D 185 2.25 34.33 -19.81
N THR D 186 2.82 35.12 -18.90
CA THR D 186 4.26 35.36 -18.88
C THR D 186 4.87 35.13 -17.48
N LEU D 187 6.13 34.75 -17.49
CA LEU D 187 6.87 34.50 -16.27
C LEU D 187 7.09 35.79 -15.47
N VAL D 188 7.48 36.86 -16.16
CA VAL D 188 7.70 38.15 -15.49
C VAL D 188 6.41 38.70 -14.86
N GLY D 189 5.29 38.55 -15.56
CA GLY D 189 3.98 38.97 -15.05
C GLY D 189 3.62 38.24 -13.76
N MET D 190 3.80 36.92 -13.75
CA MET D 190 3.55 36.12 -12.55
C MET D 190 4.48 36.57 -11.41
N ALA D 191 5.76 36.75 -11.72
CA ALA D 191 6.73 37.12 -10.69
C ALA D 191 6.38 38.48 -10.08
N GLU D 192 5.90 39.40 -10.91
CA GLU D 192 5.32 40.67 -10.43
C GLU D 192 4.21 40.47 -9.40
N ALA D 193 3.25 39.62 -9.74
CA ALA D 193 2.05 39.40 -8.91
C ALA D 193 2.31 38.62 -7.63
N VAL D 194 3.34 37.80 -7.59
CA VAL D 194 3.58 36.94 -6.41
C VAL D 194 4.82 37.36 -5.63
N ASP D 195 4.98 36.80 -4.46
CA ASP D 195 6.19 37.00 -3.66
C ASP D 195 6.99 35.72 -3.44
N THR D 196 6.49 34.60 -3.96
CA THR D 196 7.15 33.30 -3.82
C THR D 196 7.06 32.57 -5.15
N LEU D 197 8.22 32.29 -5.74
CA LEU D 197 8.29 31.65 -7.07
C LEU D 197 8.90 30.28 -6.91
N ILE D 198 8.12 29.23 -7.25
CA ILE D 198 8.59 27.84 -7.18
C ILE D 198 8.76 27.31 -8.61
N VAL D 199 10.00 26.93 -8.93
CA VAL D 199 10.38 26.44 -10.24
C VAL D 199 10.31 24.93 -10.22
N ILE D 200 9.41 24.38 -11.03
CA ILE D 200 9.23 22.93 -11.20
C ILE D 200 9.34 22.44 -12.63
N VAL D 201 9.41 23.34 -13.60
CA VAL D 201 9.57 22.99 -15.06
C VAL D 201 9.45 21.53 -15.55
N SER D 206 15.48 24.81 -23.26
CA SER D 206 14.03 24.74 -23.18
C SER D 206 13.61 25.90 -22.28
N THR D 207 13.83 25.79 -20.98
CA THR D 207 13.60 26.87 -20.02
C THR D 207 14.92 27.50 -19.57
N LEU D 208 15.96 27.38 -20.37
CA LEU D 208 17.34 27.64 -19.96
C LEU D 208 17.57 29.11 -19.58
N LYS D 209 18.02 29.31 -18.35
CA LYS D 209 18.12 30.66 -17.74
C LYS D 209 16.86 31.58 -17.83
N ALA D 210 15.68 30.97 -17.85
CA ALA D 210 14.42 31.74 -17.90
C ALA D 210 14.20 32.59 -16.64
N VAL D 211 14.66 32.09 -15.49
CA VAL D 211 14.65 32.89 -14.25
C VAL D 211 15.93 33.76 -14.25
N ASN D 212 15.78 34.96 -14.81
CA ASN D 212 16.89 35.86 -15.10
C ASN D 212 16.76 37.11 -14.23
N ALA D 213 17.61 38.10 -14.45
CA ALA D 213 17.61 39.34 -13.64
C ALA D 213 16.25 40.03 -13.65
N ASP D 214 15.62 40.10 -14.81
CA ASP D 214 14.28 40.70 -14.95
C ASP D 214 13.25 39.97 -14.11
N VAL D 215 13.28 38.64 -14.12
CA VAL D 215 12.30 37.84 -13.35
C VAL D 215 12.50 38.05 -11.85
N LEU D 216 13.76 38.02 -11.42
CA LEU D 216 14.09 38.20 -10.00
C LEU D 216 13.74 39.61 -9.53
N SER D 217 13.98 40.60 -10.36
CA SER D 217 13.60 41.97 -10.03
C SER D 217 12.07 42.12 -9.89
N ALA D 218 11.31 41.47 -10.77
CA ALA D 218 9.84 41.47 -10.68
C ALA D 218 9.34 40.77 -9.41
N LEU D 219 10.02 39.69 -9.02
CA LEU D 219 9.68 38.92 -7.82
C LEU D 219 9.65 39.88 -6.59
N GLY D 220 10.69 40.69 -6.49
CA GLY D 220 10.72 41.86 -5.60
C GLY D 220 11.41 41.65 -4.28
N PRO D 221 11.51 42.73 -3.47
CA PRO D 221 12.34 42.70 -2.24
C PRO D 221 11.81 41.80 -1.11
N LYS D 222 10.57 41.35 -1.18
CA LYS D 222 10.07 40.30 -0.27
C LYS D 222 10.05 38.92 -0.95
N GLY D 223 10.63 38.85 -2.15
CA GLY D 223 10.58 37.67 -2.96
C GLY D 223 11.42 36.52 -2.48
N VAL D 224 10.89 35.32 -2.61
CA VAL D 224 11.62 34.08 -2.31
C VAL D 224 11.54 33.14 -3.52
N LEU D 225 12.69 32.61 -3.91
CA LEU D 225 12.85 31.68 -5.01
C LEU D 225 13.13 30.28 -4.47
N ILE D 226 12.32 29.32 -4.89
CA ILE D 226 12.52 27.91 -4.59
C ILE D 226 12.74 27.21 -5.93
N ASN D 227 13.85 26.47 -6.06
CA ASN D 227 14.10 25.67 -7.26
C ASN D 227 14.20 24.19 -6.89
N VAL D 228 13.21 23.44 -7.36
CA VAL D 228 13.21 21.98 -7.31
C VAL D 228 13.00 21.38 -8.72
N GLY D 229 13.30 22.18 -9.77
CA GLY D 229 13.27 21.70 -11.17
C GLY D 229 14.61 21.30 -11.74
N ARG D 230 15.11 22.08 -12.71
CA ARG D 230 16.47 21.94 -13.20
C ARG D 230 17.26 23.17 -12.75
N GLY D 231 18.50 22.93 -12.33
CA GLY D 231 19.39 23.99 -11.94
C GLY D 231 19.63 25.04 -13.02
N SER D 232 19.69 24.59 -14.25
CA SER D 232 19.96 25.46 -15.40
C SER D 232 18.81 26.41 -15.82
N THR D 233 17.63 26.22 -15.25
CA THR D 233 16.53 27.14 -15.44
C THR D 233 16.76 28.49 -14.75
N VAL D 234 17.62 28.51 -13.73
CA VAL D 234 17.93 29.72 -13.01
C VAL D 234 19.29 30.26 -13.45
N ASP D 235 19.35 31.55 -13.74
CA ASP D 235 20.60 32.25 -14.05
C ASP D 235 21.35 32.46 -12.73
N GLU D 236 22.27 31.55 -12.43
CA GLU D 236 22.96 31.47 -11.15
C GLU D 236 23.71 32.75 -10.79
N ALA D 237 24.43 33.32 -11.75
CA ALA D 237 25.11 34.58 -11.53
C ALA D 237 24.13 35.71 -11.20
N ALA D 238 23.00 35.75 -11.91
CA ALA D 238 21.98 36.76 -11.62
C ALA D 238 21.34 36.55 -10.23
N LEU D 239 21.16 35.29 -9.83
CA LEU D 239 20.64 34.98 -8.51
C LEU D 239 21.59 35.47 -7.40
N VAL D 240 22.88 35.17 -7.55
CA VAL D 240 23.88 35.59 -6.57
C VAL D 240 23.85 37.10 -6.40
N THR D 241 23.82 37.83 -7.52
CA THR D 241 23.77 39.29 -7.50
C THR D 241 22.51 39.79 -6.78
N ALA D 242 21.37 39.18 -7.07
CA ALA D 242 20.10 39.53 -6.46
C ALA D 242 20.07 39.34 -4.93
N LEU D 243 20.61 38.21 -4.47
CA LEU D 243 20.73 37.93 -3.06
C LEU D 243 21.70 38.88 -2.37
N GLN D 244 22.87 39.08 -2.97
CA GLN D 244 23.86 40.00 -2.43
C GLN D 244 23.32 41.40 -2.20
N ASN D 245 22.53 41.89 -3.16
CA ASN D 245 22.09 43.30 -3.15
C ASN D 245 20.66 43.49 -2.69
N GLY D 246 20.05 42.44 -2.15
CA GLY D 246 18.71 42.57 -1.56
C GLY D 246 17.59 42.77 -2.58
N THR D 247 17.84 42.42 -3.83
CA THR D 247 16.82 42.45 -4.85
C THR D 247 15.67 41.48 -4.52
N ILE D 248 16.05 40.30 -4.02
CA ILE D 248 15.10 39.37 -3.40
C ILE D 248 15.47 39.09 -1.94
N ALA D 249 14.53 38.48 -1.21
CA ALA D 249 14.63 38.29 0.23
C ALA D 249 15.25 36.96 0.62
N GLY D 250 15.14 35.95 -0.24
CA GLY D 250 15.69 34.64 0.09
C GLY D 250 15.54 33.62 -1.02
N ALA D 251 16.19 32.46 -0.83
CA ALA D 251 16.09 31.37 -1.75
C ALA D 251 16.35 29.99 -1.15
N GLY D 252 15.70 28.99 -1.73
CA GLY D 252 15.90 27.60 -1.39
C GLY D 252 16.14 26.81 -2.67
N LEU D 253 17.25 26.07 -2.74
CA LEU D 253 17.65 25.40 -3.97
C LEU D 253 17.98 23.95 -3.72
N ASP D 254 17.33 23.04 -4.43
CA ASP D 254 17.62 21.59 -4.41
C ASP D 254 18.41 21.17 -5.66
N VAL D 255 18.61 22.08 -6.61
CA VAL D 255 19.26 21.80 -7.90
C VAL D 255 20.13 22.97 -8.30
N PHE D 256 21.17 22.68 -9.09
CA PHE D 256 22.20 23.66 -9.45
C PHE D 256 22.66 23.46 -10.88
N GLU D 257 23.32 24.47 -11.42
CA GLU D 257 23.73 24.48 -12.85
C GLU D 257 24.70 23.34 -13.18
N ASN D 258 25.66 23.08 -12.29
CA ASN D 258 26.70 22.10 -12.54
C ASN D 258 26.89 21.21 -11.29
N GLU D 259 25.89 20.39 -10.97
CA GLU D 259 25.96 19.53 -9.78
C GLU D 259 27.09 18.51 -9.95
N PRO D 260 27.80 18.13 -8.90
CA PRO D 260 27.58 18.51 -7.50
C PRO D 260 28.28 19.80 -7.05
N ASN D 261 28.71 20.63 -7.99
CA ASN D 261 29.39 21.87 -7.62
C ASN D 261 28.36 22.97 -7.30
N VAL D 262 28.51 23.58 -6.13
CA VAL D 262 27.68 24.68 -5.69
C VAL D 262 28.57 25.91 -5.58
N PRO D 263 28.18 27.03 -6.20
CA PRO D 263 29.03 28.23 -6.11
C PRO D 263 29.27 28.69 -4.67
N GLU D 264 30.50 29.12 -4.41
CA GLU D 264 30.93 29.56 -3.08
C GLU D 264 30.06 30.71 -2.55
N ALA D 265 29.67 31.63 -3.43
CA ALA D 265 28.88 32.79 -3.05
C ALA D 265 27.52 32.40 -2.46
N LEU D 266 26.90 31.34 -2.99
CA LEU D 266 25.63 30.84 -2.43
C LEU D 266 25.75 30.33 -1.00
N LEU D 267 26.88 29.70 -0.67
CA LEU D 267 27.15 29.20 0.69
C LEU D 267 27.30 30.29 1.76
N SER D 268 27.58 31.52 1.36
CA SER D 268 27.78 32.62 2.31
C SER D 268 26.50 33.32 2.78
N PHE D 269 25.39 33.19 2.04
CA PHE D 269 24.16 33.94 2.38
C PHE D 269 23.40 33.35 3.57
N PRO D 270 23.02 34.20 4.55
CA PRO D 270 22.22 33.72 5.70
C PRO D 270 20.73 33.49 5.43
N ASN D 271 20.24 33.86 4.24
CA ASN D 271 18.80 33.74 3.89
C ASN D 271 18.56 32.68 2.80
N VAL D 272 19.45 31.70 2.72
CA VAL D 272 19.43 30.68 1.68
C VAL D 272 19.52 29.30 2.30
N SER D 273 18.65 28.41 1.84
CA SER D 273 18.72 26.98 2.16
C SER D 273 19.17 26.20 0.91
N LEU D 274 20.10 25.27 1.09
CA LEU D 274 20.71 24.49 0.02
C LEU D 274 20.57 23.00 0.32
N LEU D 275 20.11 22.23 -0.66
CA LEU D 275 19.97 20.77 -0.55
C LEU D 275 20.67 20.09 -1.73
N PRO D 276 21.31 18.91 -1.48
CA PRO D 276 22.04 18.21 -2.54
C PRO D 276 21.11 17.30 -3.39
N HIS D 277 20.13 17.91 -4.06
CA HIS D 277 19.24 17.19 -4.99
C HIS D 277 18.57 16.00 -4.34
N VAL D 278 17.85 16.24 -3.26
CA VAL D 278 17.26 15.16 -2.48
C VAL D 278 15.75 14.99 -2.72
N ALA D 279 15.19 15.68 -3.73
CA ALA D 279 13.74 15.66 -3.95
C ALA D 279 13.04 14.26 -3.86
N SER D 280 13.64 13.20 -4.39
CA SER D 280 13.02 11.86 -4.31
C SER D 280 13.79 10.88 -3.41
N ALA D 281 14.77 11.40 -2.66
CA ALA D 281 15.82 10.56 -2.02
C ALA D 281 15.50 9.99 -0.62
N SER D 282 14.35 9.31 -0.52
CA SER D 282 14.00 8.45 0.60
C SER D 282 14.16 6.99 0.18
N VAL D 283 14.40 6.10 1.14
CA VAL D 283 14.46 4.69 0.86
C VAL D 283 13.15 4.21 0.23
N VAL D 284 12.01 4.61 0.79
CA VAL D 284 10.74 4.06 0.30
C VAL D 284 10.50 4.48 -1.16
N THR D 285 10.79 5.73 -1.49
CA THR D 285 10.49 6.24 -2.81
C THR D 285 11.49 5.73 -3.88
N ARG D 286 12.78 5.71 -3.55
CA ARG D 286 13.75 5.09 -4.44
C ARG D 286 13.54 3.57 -4.59
N ASN D 287 13.04 2.89 -3.57
CA ASN D 287 12.62 1.47 -3.74
C ASN D 287 11.46 1.32 -4.74
N ALA D 288 10.47 2.21 -4.68
CA ALA D 288 9.35 2.18 -5.65
C ALA D 288 9.83 2.48 -7.07
N MET D 289 10.77 3.42 -7.21
CA MET D 289 11.38 3.72 -8.49
C MET D 289 12.15 2.50 -9.03
N SER D 290 12.94 1.84 -8.17
CA SER D 290 13.63 0.62 -8.51
C SER D 290 12.67 -0.46 -8.94
N ASP D 291 11.59 -0.64 -8.19
CA ASP D 291 10.61 -1.67 -8.56
C ASP D 291 10.02 -1.43 -9.93
N LEU D 292 9.77 -0.16 -10.29
CA LEU D 292 9.17 0.17 -11.58
C LEU D 292 10.12 -0.09 -12.75
N VAL D 293 11.40 0.22 -12.56
CA VAL D 293 12.44 -0.13 -13.54
C VAL D 293 12.38 -1.64 -13.81
N VAL D 294 12.42 -2.44 -12.76
CA VAL D 294 12.48 -3.89 -12.93
C VAL D 294 11.16 -4.42 -13.46
N ASP D 295 10.04 -3.90 -12.94
CA ASP D 295 8.72 -4.39 -13.41
C ASP D 295 8.42 -4.02 -14.86
N ASN D 296 9.01 -2.92 -15.35
CA ASN D 296 8.95 -2.56 -16.78
C ASN D 296 9.63 -3.63 -17.64
N LEU D 297 10.85 -4.03 -17.24
CA LEU D 297 11.57 -5.08 -17.92
C LEU D 297 10.83 -6.40 -17.86
N LYS D 298 10.31 -6.77 -16.70
CA LYS D 298 9.56 -8.02 -16.57
C LYS D 298 8.30 -8.03 -17.46
N ALA D 299 7.56 -6.91 -17.46
CA ALA D 299 6.37 -6.81 -18.28
C ALA D 299 6.71 -6.93 -19.79
N TRP D 300 7.81 -6.30 -20.20
CA TRP D 300 8.24 -6.34 -21.59
C TRP D 300 8.53 -7.77 -22.04
N PHE D 301 9.34 -8.49 -21.28
CA PHE D 301 9.75 -9.84 -21.66
C PHE D 301 8.75 -10.95 -21.33
N SER D 302 7.77 -10.70 -20.46
CA SER D 302 6.76 -11.71 -20.17
C SER D 302 5.40 -11.45 -20.83
N THR D 303 5.09 -10.19 -21.18
CA THR D 303 3.78 -9.84 -21.79
C THR D 303 3.89 -9.10 -23.14
N GLY D 304 5.08 -8.60 -23.48
CA GLY D 304 5.26 -7.85 -24.71
C GLY D 304 4.95 -6.39 -24.65
N GLU D 305 4.62 -5.87 -23.48
CA GLU D 305 4.27 -4.45 -23.33
C GLU D 305 4.96 -3.95 -22.06
N ALA D 306 5.45 -2.71 -22.15
CA ALA D 306 6.04 -2.03 -21.00
C ALA D 306 4.93 -1.39 -20.17
N LEU D 307 5.24 -1.05 -18.93
CA LEU D 307 4.29 -0.39 -18.03
C LEU D 307 4.28 1.13 -18.24
N THR D 308 5.46 1.75 -18.28
CA THR D 308 5.56 3.20 -18.38
C THR D 308 6.52 3.62 -19.52
N PRO D 309 6.18 3.25 -20.77
CA PRO D 309 6.99 3.70 -21.89
C PRO D 309 6.87 5.21 -22.07
N VAL D 310 7.95 5.85 -22.52
CA VAL D 310 7.93 7.30 -22.73
C VAL D 310 7.12 7.63 -23.98
N ALA D 311 6.70 8.88 -24.11
CA ALA D 311 5.84 9.30 -25.22
C ALA D 311 6.49 9.05 -26.61
N GLU D 312 7.81 9.23 -26.68
CA GLU D 312 8.52 9.09 -27.96
C GLU D 312 8.68 7.65 -28.45
N THR D 313 8.49 6.65 -27.59
CA THR D 313 8.65 5.23 -27.99
C THR D 313 7.41 4.39 -27.65
N PRO D 314 6.29 4.63 -28.33
CA PRO D 314 5.06 3.89 -28.05
C PRO D 314 5.06 2.52 -28.73
N PHE D 315 5.97 1.64 -28.33
CA PHE D 315 6.20 0.40 -29.07
C PHE D 315 5.83 -0.81 -28.23
N ARG D 316 5.34 -1.84 -28.89
CA ARG D 316 5.09 -3.13 -28.29
C ARG D 316 6.14 -4.08 -28.84
N ARG D 317 6.43 -5.13 -28.10
CA ARG D 317 7.43 -6.10 -28.49
C ARG D 317 6.77 -7.03 -29.53
N ARG D 318 7.49 -7.35 -30.61
CA ARG D 318 7.07 -8.48 -31.48
C ARG D 318 7.43 -9.84 -30.86
N ALA D 319 6.59 -10.83 -31.15
CA ALA D 319 6.72 -12.20 -30.65
C ALA D 319 8.12 -12.84 -30.82
NA NA E . -3.59 -42.41 -12.06
CL CL F . -15.11 -9.59 -24.40
C1 GOL G . -9.17 -17.45 -23.47
O1 GOL G . -10.26 -16.57 -23.69
C2 GOL G . -9.67 -18.79 -22.97
O2 GOL G . -10.83 -19.19 -23.68
C3 GOL G . -8.55 -19.82 -23.11
O3 GOL G . -8.99 -21.08 -22.62
NA NA H . 2.49 2.28 16.46
CL CL I . 9.46 38.00 20.57
NA NA J . -5.40 0.91 -0.57
NA NA K . -9.85 -19.07 10.77
C1 CIT L . -6.78 -19.96 11.78
O1 CIT L . -5.59 -19.61 11.84
O2 CIT L . -7.72 -19.15 11.97
C2 CIT L . -7.01 -21.44 11.49
C3 CIT L . -8.46 -21.91 11.31
O7 CIT L . -9.03 -21.24 10.19
C4 CIT L . -8.45 -23.44 11.11
C5 CIT L . -9.82 -24.10 11.00
O3 CIT L . -9.93 -25.29 11.39
O4 CIT L . -10.80 -23.47 10.53
C6 CIT L . -9.30 -21.55 12.53
O5 CIT L . -8.93 -21.92 13.66
O6 CIT L . -10.36 -20.87 12.32
CL CL M . -13.95 -32.89 11.89
NA NA N . 6.46 40.30 -7.00
CL CL O . 18.72 5.39 -5.45
#